data_6N17
#
_entry.id   6N17
#
_cell.length_a   50.049
_cell.length_b   105.411
_cell.length_c   194.093
_cell.angle_alpha   90.00
_cell.angle_beta   90.00
_cell.angle_gamma   90.00
#
_symmetry.space_group_name_H-M   'P 21 21 21'
#
loop_
_entity.id
_entity.type
_entity.pdbx_description
1 polymer 'Tyrosyl-DNA phosphodiesterase 1'
2 non-polymer '4-[(3-carboxypropanoyl)amino]benzene-1,2-dicarboxylic acid'
3 non-polymer 1,2-ETHANEDIOL
4 non-polymer 'DIMETHYL SULFOXIDE'
5 water water
#
_entity_poly.entity_id   1
_entity_poly.type   'polypeptide(L)'
_entity_poly.pdbx_seq_one_letter_code
;SGEGQDIWDMLDKGNPFQFYLTRVSGVKPKYNSGALHIKDILSPLFGTLVSSAQFNYCFDVDWLVKQYPPEFRKKPILLV
HGDKREAKAHLHAQAKPYENISLCQAKLDIAFGTHHTKMMLLLYEEGLRVVIHTSNLIHADWHQKTQGIWLSPLYPRIAD
GTHKSGESPTHFKADLISYLMAYNAPSLKEWIDVIHKHDLSETNVYLIGSTPGRFQGSQKDNWGHFRLKKLLKDHASSMP
NAESWPVVGQFSSVGSLGADESKWLCSEFKESMLTLGKESKTPGKSSVPLYLIYPSVENVRTSLEGYPAGGSLPYSIQTA
EKQNWLHSYFHKWSAETSGRSNAMPHIKTYMRPSPDFSKIAWFLVTSANLSKAAWGALEKNGTQLMIRSYELGVLFLPSA
FGLDSFKVKQKFFAGSQEPMATFPVPYDLPPELYGSKDRPWIWNIPYVKAPDTHGNMWVPS
;
_entity_poly.pdbx_strand_id   A,B
#
loop_
_chem_comp.id
_chem_comp.type
_chem_comp.name
_chem_comp.formula
DMS non-polymer 'DIMETHYL SULFOXIDE' 'C2 H6 O S'
EDO non-polymer 1,2-ETHANEDIOL 'C2 H6 O2'
K8Y non-polymer '4-[(3-carboxypropanoyl)amino]benzene-1,2-dicarboxylic acid' 'C12 H11 N O7'
#
# COMPACT_ATOMS: atom_id res chain seq x y z
N ASN A 15 23.08 -4.35 6.39
CA ASN A 15 22.34 -4.32 5.12
C ASN A 15 20.84 -4.38 5.37
N PRO A 16 20.06 -3.68 4.54
CA PRO A 16 18.60 -3.74 4.69
C PRO A 16 17.96 -4.91 3.96
N PHE A 17 18.69 -5.62 3.09
CA PHE A 17 18.00 -6.52 2.17
C PHE A 17 17.74 -7.91 2.74
N GLN A 18 18.63 -8.42 3.60
CA GLN A 18 18.41 -9.72 4.23
C GLN A 18 18.24 -10.83 3.17
N PHE A 19 19.03 -10.73 2.11
CA PHE A 19 19.11 -11.73 1.05
C PHE A 19 20.41 -12.50 1.23
N TYR A 20 20.31 -13.81 1.41
CA TYR A 20 21.45 -14.67 1.71
C TYR A 20 21.55 -15.78 0.67
N LEU A 21 22.77 -16.33 0.55
CA LEU A 21 22.96 -17.60 -0.13
C LEU A 21 23.15 -18.72 0.90
N THR A 22 22.85 -19.95 0.48
CA THR A 22 23.15 -21.11 1.31
C THR A 22 24.65 -21.36 1.34
N ARG A 23 25.10 -22.01 2.40
CA ARG A 23 26.49 -22.44 2.53
C ARG A 23 26.83 -23.46 1.46
N VAL A 24 28.04 -23.38 0.92
CA VAL A 24 28.52 -24.33 -0.09
C VAL A 24 29.75 -25.04 0.46
N SER A 25 29.66 -26.36 0.55
N SER A 25 29.67 -26.36 0.56
CA SER A 25 30.80 -27.16 1.01
CA SER A 25 30.80 -27.15 1.02
C SER A 25 31.85 -27.22 -0.09
C SER A 25 31.85 -27.22 -0.09
N GLY A 26 33.06 -26.75 0.21
CA GLY A 26 34.16 -26.80 -0.73
C GLY A 26 34.69 -25.46 -1.19
N VAL A 27 34.01 -24.36 -0.92
CA VAL A 27 34.57 -23.06 -1.23
C VAL A 27 35.32 -22.55 0.00
N LYS A 28 36.18 -21.55 -0.22
CA LYS A 28 36.98 -21.03 0.88
C LYS A 28 36.08 -20.30 1.88
N PRO A 29 36.47 -20.28 3.16
CA PRO A 29 35.62 -19.67 4.20
C PRO A 29 35.10 -18.28 3.88
N LYS A 30 35.88 -17.45 3.18
CA LYS A 30 35.41 -16.11 2.85
C LYS A 30 34.15 -16.11 2.01
N TYR A 31 33.86 -17.20 1.30
CA TYR A 31 32.65 -17.29 0.48
C TYR A 31 31.49 -17.93 1.22
N ASN A 32 31.68 -18.36 2.47
CA ASN A 32 30.58 -18.80 3.30
C ASN A 32 30.34 -17.90 4.50
N SER A 33 31.21 -16.90 4.72
CA SER A 33 30.96 -15.93 5.77
C SER A 33 29.82 -15.02 5.32
N GLY A 34 28.68 -15.15 5.97
CA GLY A 34 27.50 -14.45 5.51
C GLY A 34 26.55 -15.32 4.73
N ALA A 35 26.91 -16.57 4.46
CA ALA A 35 25.96 -17.55 3.97
C ALA A 35 25.24 -18.20 5.15
N LEU A 36 24.15 -18.90 4.85
CA LEU A 36 23.33 -19.52 5.88
C LEU A 36 23.05 -20.96 5.53
N HIS A 37 23.33 -21.85 6.47
CA HIS A 37 22.86 -23.22 6.39
C HIS A 37 21.53 -23.35 7.12
N ILE A 38 20.79 -24.40 6.80
CA ILE A 38 19.47 -24.58 7.42
C ILE A 38 19.61 -24.69 8.94
N LYS A 39 20.71 -25.28 9.44
CA LYS A 39 20.92 -25.31 10.88
C LYS A 39 21.04 -23.91 11.47
N ASP A 40 21.65 -22.96 10.74
CA ASP A 40 21.71 -21.59 11.24
C ASP A 40 20.32 -20.96 11.32
N ILE A 41 19.48 -21.21 10.30
CA ILE A 41 18.14 -20.63 10.26
C ILE A 41 17.30 -21.14 11.43
N LEU A 42 17.43 -22.43 11.75
CA LEU A 42 16.59 -23.04 12.77
C LEU A 42 17.19 -22.93 14.17
N SER A 43 18.36 -22.30 14.29
CA SER A 43 19.10 -22.27 15.55
C SER A 43 18.34 -21.46 16.60
N PRO A 44 18.55 -21.77 17.89
N PRO A 44 18.55 -21.77 17.89
CA PRO A 44 17.88 -20.97 18.95
CA PRO A 44 17.88 -20.97 18.95
C PRO A 44 18.28 -19.50 18.93
C PRO A 44 18.28 -19.50 18.93
N LEU A 45 19.41 -19.16 18.31
CA LEU A 45 19.79 -17.75 18.17
C LEU A 45 18.76 -16.97 17.37
N PHE A 46 18.02 -17.63 16.48
CA PHE A 46 17.02 -16.94 15.68
C PHE A 46 15.67 -16.81 16.39
N GLY A 47 15.46 -17.54 17.46
CA GLY A 47 14.24 -17.48 18.23
C GLY A 47 13.97 -18.80 18.92
N THR A 48 13.10 -18.76 19.93
CA THR A 48 12.75 -19.97 20.70
C THR A 48 11.55 -20.61 20.03
N LEU A 49 11.78 -21.70 19.31
CA LEU A 49 10.77 -22.29 18.45
C LEU A 49 9.61 -22.90 19.24
N VAL A 50 8.40 -22.54 18.83
CA VAL A 50 7.16 -23.12 19.34
C VAL A 50 6.52 -24.06 18.33
N SER A 51 6.55 -23.69 17.06
N SER A 51 6.55 -23.70 17.05
CA SER A 51 6.02 -24.53 15.99
CA SER A 51 5.89 -24.45 15.99
C SER A 51 6.55 -23.98 14.68
C SER A 51 6.42 -23.92 14.66
N SER A 52 6.41 -24.78 13.63
CA SER A 52 6.91 -24.40 12.32
C SER A 52 6.08 -25.03 11.22
N ALA A 53 6.05 -24.36 10.08
CA ALA A 53 5.46 -24.89 8.86
C ALA A 53 6.56 -24.89 7.79
N GLN A 54 6.71 -26.01 7.09
CA GLN A 54 7.68 -26.18 6.01
C GLN A 54 6.93 -26.40 4.72
N PHE A 55 6.87 -25.38 3.87
CA PHE A 55 6.31 -25.48 2.53
C PHE A 55 7.42 -25.92 1.60
N ASN A 56 7.21 -26.97 0.82
CA ASN A 56 8.26 -27.37 -0.11
C ASN A 56 7.71 -28.33 -1.15
N TYR A 57 8.63 -28.82 -1.99
CA TYR A 57 8.31 -29.80 -3.03
C TYR A 57 8.74 -31.20 -2.60
N CYS A 58 10.00 -31.40 -2.27
N CYS A 58 10.02 -31.36 -2.24
CA CYS A 58 10.40 -32.72 -1.81
CA CYS A 58 10.64 -32.62 -1.89
C CYS A 58 11.12 -32.61 -0.48
C CYS A 58 11.17 -32.56 -0.45
N PHE A 59 10.97 -33.65 0.31
CA PHE A 59 11.36 -33.69 1.71
C PHE A 59 12.11 -34.97 2.00
N ASP A 60 13.19 -34.86 2.77
CA ASP A 60 13.79 -36.01 3.47
C ASP A 60 13.51 -35.76 4.94
N VAL A 61 12.48 -36.44 5.48
CA VAL A 61 11.96 -36.09 6.80
C VAL A 61 12.98 -36.42 7.88
N ASP A 62 13.66 -37.57 7.79
CA ASP A 62 14.71 -37.90 8.76
C ASP A 62 15.78 -36.82 8.77
N TRP A 63 16.26 -36.42 7.60
CA TRP A 63 17.23 -35.34 7.50
C TRP A 63 16.67 -34.04 8.07
N LEU A 64 15.43 -33.71 7.71
CA LEU A 64 14.85 -32.42 8.10
C LEU A 64 14.80 -32.28 9.63
N VAL A 65 14.34 -33.33 10.32
CA VAL A 65 14.21 -33.22 11.77
C VAL A 65 15.58 -33.02 12.41
N LYS A 66 16.62 -33.66 11.85
CA LYS A 66 17.97 -33.47 12.38
C LYS A 66 18.51 -32.05 12.18
N GLN A 67 17.90 -31.24 11.30
CA GLN A 67 18.37 -29.86 11.14
C GLN A 67 17.83 -28.91 12.21
N TYR A 68 16.74 -29.30 12.88
CA TYR A 68 16.25 -28.53 14.02
C TYR A 68 17.16 -28.78 15.22
N PRO A 69 17.34 -27.78 16.08
CA PRO A 69 18.12 -28.00 17.30
C PRO A 69 17.50 -29.12 18.11
N PRO A 70 18.32 -29.92 18.80
CA PRO A 70 17.77 -31.06 19.55
C PRO A 70 16.63 -30.68 20.48
N GLU A 71 16.75 -29.54 21.17
CA GLU A 71 15.71 -29.12 22.10
C GLU A 71 14.40 -28.75 21.40
N PHE A 72 14.43 -28.52 20.09
CA PHE A 72 13.23 -28.16 19.34
C PHE A 72 12.68 -29.28 18.47
N ARG A 73 13.27 -30.48 18.51
CA ARG A 73 12.91 -31.48 17.51
C ARG A 73 11.54 -32.12 17.74
N LYS A 74 10.88 -31.88 18.88
CA LYS A 74 9.55 -32.42 19.07
C LYS A 74 8.47 -31.35 19.03
N LYS A 75 8.83 -30.10 18.72
CA LYS A 75 7.81 -29.08 18.49
C LYS A 75 7.02 -29.41 17.22
N PRO A 76 5.76 -28.99 17.13
CA PRO A 76 4.95 -29.35 15.96
C PRO A 76 5.57 -28.82 14.67
N ILE A 77 5.53 -29.66 13.64
CA ILE A 77 5.96 -29.31 12.28
C ILE A 77 4.83 -29.65 11.33
N LEU A 78 4.46 -28.70 10.47
CA LEU A 78 3.54 -28.95 9.37
C LEU A 78 4.33 -29.00 8.07
N LEU A 79 4.18 -30.07 7.31
CA LEU A 79 4.76 -30.17 5.97
C LEU A 79 3.67 -29.87 4.96
N VAL A 80 3.87 -28.83 4.15
CA VAL A 80 2.93 -28.46 3.09
C VAL A 80 3.52 -28.90 1.76
N HIS A 81 2.82 -29.79 1.06
CA HIS A 81 3.35 -30.48 -0.11
C HIS A 81 2.26 -30.63 -1.15
N GLY A 82 2.63 -31.14 -2.33
CA GLY A 82 1.65 -31.33 -3.40
C GLY A 82 1.51 -32.76 -3.86
N ASP A 83 2.04 -33.71 -3.09
CA ASP A 83 2.13 -35.09 -3.56
C ASP A 83 0.76 -35.78 -3.55
N LYS A 84 0.60 -36.72 -4.48
CA LYS A 84 -0.63 -37.49 -4.63
C LYS A 84 -0.32 -38.97 -4.65
N ARG A 85 -1.35 -39.78 -4.42
CA ARG A 85 -1.34 -41.24 -4.67
C ARG A 85 -0.12 -41.86 -3.97
N GLU A 86 0.72 -42.62 -4.69
CA GLU A 86 1.82 -43.34 -4.06
C GLU A 86 2.86 -42.39 -3.47
N ALA A 87 3.14 -41.29 -4.18
CA ALA A 87 4.07 -40.29 -3.64
C ALA A 87 3.56 -39.73 -2.32
N LYS A 88 2.26 -39.46 -2.23
CA LYS A 88 1.66 -39.01 -0.98
C LYS A 88 1.83 -40.06 0.11
N ALA A 89 1.56 -41.33 -0.22
CA ALA A 89 1.76 -42.39 0.76
C ALA A 89 3.20 -42.46 1.23
N HIS A 90 4.16 -42.33 0.31
CA HIS A 90 5.56 -42.39 0.69
C HIS A 90 5.93 -41.27 1.65
N LEU A 91 5.38 -40.07 1.44
CA LEU A 91 5.69 -38.98 2.36
C LEU A 91 5.08 -39.22 3.72
N HIS A 92 3.84 -39.70 3.77
CA HIS A 92 3.22 -40.01 5.04
C HIS A 92 4.01 -41.06 5.79
N ALA A 93 4.49 -42.10 5.08
CA ALA A 93 5.31 -43.12 5.71
C ALA A 93 6.60 -42.52 6.27
N GLN A 94 7.19 -41.55 5.56
CA GLN A 94 8.39 -40.88 6.06
C GLN A 94 8.11 -40.19 7.39
N ALA A 95 6.95 -39.56 7.52
CA ALA A 95 6.67 -38.70 8.66
C ALA A 95 6.05 -39.47 9.81
N LYS A 96 5.46 -40.63 9.55
CA LYS A 96 4.77 -41.40 10.59
C LYS A 96 5.61 -41.64 11.85
N PRO A 97 6.92 -41.93 11.78
CA PRO A 97 7.68 -42.12 13.03
C PRO A 97 7.72 -40.90 13.94
N TYR A 98 7.35 -39.72 13.45
CA TYR A 98 7.42 -38.48 14.23
C TYR A 98 6.00 -38.03 14.54
N GLU A 99 5.58 -38.22 15.79
CA GLU A 99 4.19 -37.92 16.15
C GLU A 99 3.88 -36.42 16.09
N ASN A 100 4.91 -35.57 16.08
CA ASN A 100 4.74 -34.12 16.07
C ASN A 100 4.62 -33.54 14.66
N ILE A 101 4.68 -34.36 13.61
CA ILE A 101 4.63 -33.87 12.24
C ILE A 101 3.23 -34.10 11.69
N SER A 102 2.62 -33.01 11.21
CA SER A 102 1.39 -33.04 10.44
C SER A 102 1.69 -32.69 8.99
N LEU A 103 0.76 -33.07 8.10
CA LEU A 103 0.93 -32.85 6.68
C LEU A 103 -0.31 -32.16 6.11
N CYS A 104 -0.07 -31.31 5.10
CA CYS A 104 -1.11 -30.61 4.37
C CYS A 104 -0.86 -30.82 2.89
N GLN A 105 -1.78 -31.49 2.22
CA GLN A 105 -1.68 -31.71 0.79
C GLN A 105 -2.32 -30.54 0.06
N ALA A 106 -1.49 -29.72 -0.58
CA ALA A 106 -2.00 -28.60 -1.36
C ALA A 106 -2.73 -29.11 -2.60
N LYS A 107 -3.95 -28.64 -2.81
CA LYS A 107 -4.71 -29.09 -3.96
C LYS A 107 -4.10 -28.60 -5.26
N LEU A 108 -4.05 -29.50 -6.24
CA LEU A 108 -3.50 -29.23 -7.58
C LEU A 108 -4.55 -29.73 -8.56
N ASP A 109 -5.60 -28.94 -8.74
CA ASP A 109 -6.76 -29.34 -9.53
C ASP A 109 -6.61 -29.04 -11.01
N ILE A 110 -5.51 -28.41 -11.42
CA ILE A 110 -5.17 -28.22 -12.82
C ILE A 110 -4.04 -29.18 -13.16
N ALA A 111 -4.16 -29.84 -14.32
CA ALA A 111 -3.19 -30.86 -14.70
C ALA A 111 -1.78 -30.27 -14.80
N PHE A 112 -0.79 -31.11 -14.49
CA PHE A 112 0.64 -30.80 -14.64
C PHE A 112 1.11 -29.67 -13.74
N GLY A 113 0.41 -29.42 -12.64
CA GLY A 113 0.87 -28.45 -11.66
C GLY A 113 1.70 -29.08 -10.57
N THR A 114 2.45 -28.25 -9.87
N THR A 114 2.42 -28.21 -9.84
CA THR A 114 3.21 -28.73 -8.73
CA THR A 114 3.40 -28.59 -8.84
C THR A 114 3.12 -27.72 -7.61
C THR A 114 3.31 -27.65 -7.65
N HIS A 115 3.50 -28.17 -6.43
CA HIS A 115 3.63 -27.29 -5.25
C HIS A 115 5.11 -26.98 -5.12
N HIS A 116 5.51 -25.86 -5.72
CA HIS A 116 6.92 -25.49 -5.84
CA HIS A 116 6.92 -25.49 -5.84
C HIS A 116 7.39 -24.55 -4.75
N THR A 117 6.48 -23.81 -4.12
CA THR A 117 6.81 -22.84 -3.08
C THR A 117 7.69 -23.42 -1.99
N LYS A 118 8.74 -22.67 -1.63
CA LYS A 118 9.66 -23.04 -0.56
C LYS A 118 9.65 -21.92 0.48
N MET A 119 9.07 -22.22 1.63
CA MET A 119 8.85 -21.22 2.66
C MET A 119 8.84 -21.90 4.02
N MET A 120 9.38 -21.21 5.01
CA MET A 120 9.28 -21.61 6.42
C MET A 120 8.47 -20.56 7.16
N LEU A 121 7.49 -21.00 7.92
CA LEU A 121 6.86 -20.14 8.92
C LEU A 121 7.36 -20.61 10.27
N LEU A 122 7.99 -19.71 11.02
CA LEU A 122 8.67 -20.07 12.26
C LEU A 122 8.05 -19.26 13.39
N LEU A 123 7.26 -19.92 14.24
CA LEU A 123 6.60 -19.27 15.37
C LEU A 123 7.46 -19.45 16.62
N TYR A 124 7.80 -18.34 17.25
CA TYR A 124 8.66 -18.34 18.43
C TYR A 124 7.89 -17.85 19.65
N GLU A 125 8.47 -18.09 20.82
CA GLU A 125 8.05 -17.37 22.02
C GLU A 125 8.12 -15.87 21.81
N GLU A 126 9.12 -15.39 21.07
CA GLU A 126 9.45 -13.99 20.93
C GLU A 126 8.77 -13.30 19.75
N GLY A 127 8.09 -14.05 18.89
CA GLY A 127 7.49 -13.45 17.70
C GLY A 127 7.39 -14.49 16.59
N LEU A 128 7.44 -13.99 15.35
CA LEU A 128 7.24 -14.82 14.17
C LEU A 128 8.26 -14.44 13.12
N ARG A 129 8.76 -15.43 12.37
CA ARG A 129 9.65 -15.17 11.25
C ARG A 129 9.15 -15.92 10.01
N VAL A 130 9.33 -15.29 8.86
CA VAL A 130 8.99 -15.88 7.58
C VAL A 130 10.27 -16.02 6.79
N VAL A 131 10.49 -17.19 6.19
CA VAL A 131 11.67 -17.45 5.38
C VAL A 131 11.20 -17.91 4.02
N ILE A 132 11.53 -17.17 2.97
CA ILE A 132 11.17 -17.57 1.62
C ILE A 132 12.47 -17.85 0.89
N HIS A 133 12.58 -19.06 0.33
CA HIS A 133 13.89 -19.53 -0.13
C HIS A 133 13.70 -20.42 -1.35
N THR A 134 14.77 -21.10 -1.79
CA THR A 134 14.71 -21.86 -3.06
C THR A 134 15.10 -23.32 -2.93
N SER A 135 15.40 -23.81 -1.73
CA SER A 135 15.95 -25.15 -1.54
C SER A 135 14.92 -26.19 -1.13
N ASN A 136 15.00 -27.37 -1.73
CA ASN A 136 14.24 -28.51 -1.22
C ASN A 136 14.80 -28.94 0.13
N LEU A 137 14.00 -29.68 0.89
CA LEU A 137 14.43 -30.10 2.24
C LEU A 137 15.09 -31.48 2.17
N ILE A 138 16.22 -31.50 1.47
CA ILE A 138 17.04 -32.69 1.26
C ILE A 138 18.49 -32.24 1.35
N HIS A 139 19.37 -33.18 1.74
CA HIS A 139 20.77 -32.81 1.97
C HIS A 139 21.42 -32.17 0.75
N ALA A 140 21.20 -32.74 -0.44
CA ALA A 140 21.89 -32.26 -1.63
C ALA A 140 21.55 -30.83 -1.98
N ASP A 141 20.35 -30.35 -1.62
CA ASP A 141 20.00 -28.98 -2.01
C ASP A 141 20.72 -27.93 -1.17
N TRP A 142 21.29 -28.30 -0.03
CA TRP A 142 21.98 -27.37 0.85
C TRP A 142 23.48 -27.62 0.88
N HIS A 143 23.97 -28.51 0.02
CA HIS A 143 25.36 -28.98 0.09
C HIS A 143 26.27 -28.18 -0.83
N GLN A 144 26.07 -28.28 -2.14
CA GLN A 144 26.99 -27.64 -3.07
C GLN A 144 26.25 -26.88 -4.18
N LYS A 145 25.06 -26.38 -3.90
CA LYS A 145 24.30 -25.61 -4.89
C LYS A 145 24.29 -24.13 -4.53
N THR A 146 24.04 -23.30 -5.54
CA THR A 146 23.73 -21.90 -5.30
C THR A 146 22.22 -21.79 -5.07
N GLN A 147 21.83 -21.40 -3.85
CA GLN A 147 20.43 -21.25 -3.45
C GLN A 147 20.25 -19.90 -2.77
N GLY A 148 19.04 -19.34 -2.85
CA GLY A 148 18.74 -18.04 -2.26
C GLY A 148 17.78 -18.13 -1.09
N ILE A 149 17.94 -17.19 -0.14
CA ILE A 149 17.14 -17.09 1.07
C ILE A 149 16.78 -15.64 1.31
N TRP A 150 15.50 -15.34 1.58
CA TRP A 150 15.11 -14.08 2.18
C TRP A 150 14.64 -14.34 3.60
N LEU A 151 15.22 -13.61 4.56
CA LEU A 151 14.88 -13.72 5.98
C LEU A 151 14.09 -12.50 6.40
N SER A 152 12.85 -12.72 6.87
CA SER A 152 12.07 -11.63 7.40
C SER A 152 12.66 -11.16 8.74
N PRO A 153 12.32 -9.94 9.15
CA PRO A 153 12.58 -9.50 10.53
C PRO A 153 11.84 -10.40 11.51
N LEU A 154 12.25 -10.32 12.77
CA LEU A 154 11.46 -10.91 13.85
C LEU A 154 10.21 -10.06 14.02
N TYR A 155 9.05 -10.62 13.72
CA TYR A 155 7.81 -9.87 13.82
C TYR A 155 7.25 -10.02 15.23
N PRO A 156 7.08 -8.94 15.98
CA PRO A 156 6.54 -9.07 17.34
C PRO A 156 5.05 -9.37 17.31
N ARG A 157 4.56 -9.94 18.41
CA ARG A 157 3.14 -10.20 18.55
C ARG A 157 2.41 -8.89 18.87
N ILE A 158 1.20 -8.74 18.32
CA ILE A 158 0.37 -7.61 18.69
C ILE A 158 -0.30 -7.93 20.01
N ALA A 159 -0.22 -6.99 20.95
CA ALA A 159 -0.76 -7.21 22.29
C ALA A 159 -2.25 -7.53 22.22
N ASP A 160 -2.67 -8.51 23.02
CA ASP A 160 -4.08 -8.89 23.07
C ASP A 160 -4.93 -7.70 23.52
N GLY A 161 -5.98 -7.41 22.76
CA GLY A 161 -6.80 -6.25 23.00
C GLY A 161 -6.41 -5.00 22.24
N THR A 162 -5.17 -4.93 21.74
CA THR A 162 -4.75 -3.83 20.89
C THR A 162 -5.26 -4.05 19.47
N HIS A 163 -5.75 -2.98 18.84
CA HIS A 163 -6.27 -3.05 17.47
C HIS A 163 -5.34 -2.25 16.57
N LYS A 164 -4.52 -2.97 15.79
CA LYS A 164 -3.70 -2.32 14.78
C LYS A 164 -3.58 -3.28 13.59
N SER A 165 -3.21 -2.72 12.45
CA SER A 165 -3.15 -3.56 11.25
C SER A 165 -1.94 -4.49 11.28
N GLY A 166 -0.81 -4.01 11.79
CA GLY A 166 0.42 -4.76 11.63
C GLY A 166 0.87 -4.84 10.19
N GLU A 167 0.37 -3.96 9.33
CA GLU A 167 0.63 -4.01 7.90
C GLU A 167 1.84 -3.15 7.52
N SER A 168 2.53 -3.57 6.48
N SER A 168 2.54 -3.58 6.48
CA SER A 168 3.69 -2.87 5.95
CA SER A 168 3.71 -2.90 5.94
C SER A 168 3.30 -1.99 4.78
C SER A 168 3.33 -2.02 4.75
N PRO A 169 4.17 -1.06 4.37
CA PRO A 169 3.86 -0.27 3.16
C PRO A 169 3.84 -1.10 1.89
N THR A 170 4.40 -2.31 1.91
CA THR A 170 4.35 -3.19 0.75
C THR A 170 3.15 -4.13 0.78
N HIS A 171 2.28 -4.02 1.78
CA HIS A 171 1.08 -4.85 1.93
C HIS A 171 1.41 -6.32 2.14
N PHE A 172 2.61 -6.61 2.67
CA PHE A 172 3.07 -8.00 2.77
C PHE A 172 2.17 -8.86 3.65
N LYS A 173 1.63 -8.30 4.74
CA LYS A 173 0.83 -9.12 5.65
C LYS A 173 -0.44 -9.61 4.96
N ALA A 174 -1.22 -8.68 4.40
CA ALA A 174 -2.42 -9.07 3.68
C ALA A 174 -2.09 -9.99 2.51
N ASP A 175 -0.97 -9.72 1.82
CA ASP A 175 -0.64 -10.52 0.65
C ASP A 175 -0.25 -11.94 1.05
N LEU A 176 0.50 -12.09 2.16
CA LEU A 176 0.84 -13.43 2.63
C LEU A 176 -0.41 -14.17 3.09
N ILE A 177 -1.32 -13.50 3.79
CA ILE A 177 -2.55 -14.16 4.19
C ILE A 177 -3.35 -14.58 2.96
N SER A 178 -3.41 -13.71 1.95
N SER A 178 -3.41 -13.72 1.94
CA SER A 178 -4.12 -14.03 0.70
CA SER A 178 -4.13 -14.05 0.72
C SER A 178 -3.54 -15.27 0.05
C SER A 178 -3.54 -15.28 0.04
N TYR A 179 -2.20 -15.36 -0.01
CA TYR A 179 -1.55 -16.53 -0.58
C TYR A 179 -1.97 -17.80 0.18
N LEU A 180 -1.95 -17.74 1.51
CA LEU A 180 -2.31 -18.92 2.31
C LEU A 180 -3.80 -19.24 2.17
N MET A 181 -4.65 -18.23 2.07
N MET A 181 -4.66 -18.22 2.09
CA MET A 181 -6.08 -18.49 1.94
CA MET A 181 -6.08 -18.48 1.92
C MET A 181 -6.38 -19.31 0.69
C MET A 181 -6.38 -19.32 0.69
N ALA A 182 -5.59 -19.14 -0.37
CA ALA A 182 -5.85 -19.85 -1.63
C ALA A 182 -5.78 -21.37 -1.48
N TYR A 183 -5.05 -21.87 -0.48
CA TYR A 183 -4.98 -23.31 -0.24
C TYR A 183 -6.30 -23.89 0.26
N ASN A 184 -7.10 -23.09 0.96
N ASN A 184 -7.12 -23.09 0.94
CA ASN A 184 -8.38 -23.55 1.50
CA ASN A 184 -8.38 -23.55 1.53
C ASN A 184 -8.18 -24.75 2.43
C ASN A 184 -8.16 -24.77 2.42
N ALA A 185 -7.15 -24.67 3.29
CA ALA A 185 -6.70 -25.79 4.10
C ALA A 185 -6.82 -25.49 5.59
N PRO A 186 -7.39 -26.38 6.40
CA PRO A 186 -7.57 -26.04 7.83
C PRO A 186 -6.29 -25.85 8.59
N SER A 187 -5.25 -26.63 8.27
CA SER A 187 -3.95 -26.45 8.91
C SER A 187 -3.35 -25.08 8.61
N LEU A 188 -3.64 -24.51 7.42
CA LEU A 188 -3.11 -23.19 7.09
C LEU A 188 -4.00 -22.06 7.60
N LYS A 189 -5.29 -22.31 7.85
CA LYS A 189 -6.08 -21.29 8.55
C LYS A 189 -5.50 -21.02 9.94
N GLU A 190 -4.94 -22.05 10.58
CA GLU A 190 -4.28 -21.85 11.87
C GLU A 190 -3.11 -20.88 11.74
N TRP A 191 -2.32 -21.04 10.67
CA TRP A 191 -1.18 -20.15 10.47
C TRP A 191 -1.63 -18.76 10.06
N ILE A 192 -2.74 -18.65 9.32
CA ILE A 192 -3.32 -17.34 9.02
C ILE A 192 -3.68 -16.61 10.32
N ASP A 193 -4.28 -17.32 11.27
CA ASP A 193 -4.62 -16.68 12.54
C ASP A 193 -3.36 -16.24 13.30
N VAL A 194 -2.29 -17.04 13.20
CA VAL A 194 -1.02 -16.63 13.81
C VAL A 194 -0.52 -15.34 13.18
N ILE A 195 -0.52 -15.28 11.84
CA ILE A 195 -0.01 -14.09 11.16
C ILE A 195 -0.84 -12.86 11.52
N HIS A 196 -2.18 -13.02 11.61
CA HIS A 196 -3.05 -11.91 12.02
C HIS A 196 -2.59 -11.32 13.35
N LYS A 197 -2.13 -12.16 14.28
CA LYS A 197 -1.74 -11.72 15.60
C LYS A 197 -0.36 -11.05 15.64
N HIS A 198 0.35 -10.95 14.53
CA HIS A 198 1.70 -10.39 14.57
C HIS A 198 1.81 -9.12 13.76
N ASP A 199 2.83 -8.33 14.10
CA ASP A 199 3.09 -7.04 13.47
C ASP A 199 4.16 -7.23 12.40
N LEU A 200 3.77 -7.15 11.14
CA LEU A 200 4.69 -7.32 10.01
C LEU A 200 5.03 -5.99 9.34
N SER A 201 4.86 -4.86 10.05
CA SER A 201 4.96 -3.56 9.40
C SER A 201 6.38 -3.24 8.92
N GLU A 202 7.40 -3.87 9.48
CA GLU A 202 8.77 -3.57 9.07
C GLU A 202 9.14 -4.19 7.72
N THR A 203 8.26 -4.98 7.09
CA THR A 203 8.61 -5.68 5.86
C THR A 203 8.77 -4.70 4.69
N ASN A 204 9.91 -4.80 3.99
N ASN A 204 9.92 -4.78 4.01
CA ASN A 204 10.25 -3.90 2.90
CA ASN A 204 10.17 -3.90 2.87
C ASN A 204 10.24 -4.58 1.53
C ASN A 204 10.45 -4.69 1.59
N VAL A 205 9.82 -5.85 1.45
CA VAL A 205 9.73 -6.57 0.18
C VAL A 205 8.25 -6.78 -0.16
N TYR A 206 7.99 -6.94 -1.46
CA TYR A 206 6.65 -7.29 -1.97
C TYR A 206 6.59 -8.78 -2.24
N LEU A 207 5.48 -9.41 -1.85
CA LEU A 207 5.24 -10.82 -2.13
C LEU A 207 4.76 -11.00 -3.55
N ILE A 208 5.37 -11.95 -4.28
CA ILE A 208 4.89 -12.35 -5.61
C ILE A 208 4.62 -13.85 -5.56
N GLY A 209 3.36 -14.23 -5.57
CA GLY A 209 3.00 -15.63 -5.51
C GLY A 209 2.28 -16.09 -6.77
N SER A 210 2.32 -17.40 -6.98
CA SER A 210 1.48 -18.09 -7.94
C SER A 210 0.66 -19.13 -7.21
N THR A 211 -0.61 -19.27 -7.60
N THR A 211 -0.63 -19.21 -7.55
CA THR A 211 -1.45 -20.31 -7.06
CA THR A 211 -1.49 -20.28 -7.07
C THR A 211 -2.31 -20.84 -8.20
C THR A 211 -2.24 -20.87 -8.26
N PRO A 212 -2.66 -22.13 -8.19
CA PRO A 212 -3.38 -22.71 -9.33
C PRO A 212 -4.75 -22.08 -9.52
N GLY A 213 -5.08 -21.80 -10.76
CA GLY A 213 -6.42 -21.31 -11.04
C GLY A 213 -6.52 -20.61 -12.37
N ARG A 214 -7.73 -20.14 -12.64
N ARG A 214 -7.72 -20.08 -12.61
CA ARG A 214 -8.02 -19.33 -13.82
CA ARG A 214 -8.04 -19.33 -13.82
C ARG A 214 -8.56 -18.01 -13.30
C ARG A 214 -8.61 -17.99 -13.37
N PHE A 215 -7.82 -16.93 -13.54
CA PHE A 215 -8.09 -15.63 -12.92
C PHE A 215 -8.47 -14.59 -13.95
N GLN A 216 -9.62 -13.95 -13.74
CA GLN A 216 -10.10 -12.90 -14.61
C GLN A 216 -10.47 -11.66 -13.79
N GLY A 217 -10.63 -10.55 -14.48
CA GLY A 217 -11.18 -9.36 -13.85
C GLY A 217 -10.31 -8.86 -12.71
N SER A 218 -10.93 -8.73 -11.53
CA SER A 218 -10.23 -8.17 -10.37
C SER A 218 -9.11 -9.07 -9.89
N GLN A 219 -9.15 -10.35 -10.22
CA GLN A 219 -8.19 -11.32 -9.71
C GLN A 219 -7.00 -11.53 -10.63
N LYS A 220 -7.02 -10.98 -11.85
CA LYS A 220 -5.95 -11.20 -12.80
C LYS A 220 -4.61 -10.68 -12.29
N ASP A 221 -4.62 -9.58 -11.54
CA ASP A 221 -3.38 -8.97 -11.05
C ASP A 221 -2.86 -9.59 -9.77
N ASN A 222 -3.53 -10.62 -9.24
CA ASN A 222 -3.15 -11.16 -7.94
C ASN A 222 -1.92 -12.05 -8.01
N TRP A 223 -1.63 -12.66 -9.16
CA TRP A 223 -0.69 -13.77 -9.19
C TRP A 223 0.19 -13.74 -10.44
N GLY A 224 1.31 -14.46 -10.36
CA GLY A 224 2.10 -14.73 -11.55
C GLY A 224 2.68 -13.47 -12.19
N HIS A 225 2.84 -13.53 -13.51
CA HIS A 225 3.51 -12.40 -14.14
C HIS A 225 2.64 -11.15 -14.19
N PHE A 226 1.31 -11.28 -14.06
CA PHE A 226 0.47 -10.09 -13.94
C PHE A 226 0.64 -9.43 -12.57
N ARG A 227 0.91 -10.21 -11.53
CA ARG A 227 1.22 -9.62 -10.23
C ARG A 227 2.49 -8.79 -10.32
N LEU A 228 3.53 -9.35 -10.96
CA LEU A 228 4.76 -8.60 -11.15
C LEU A 228 4.50 -7.32 -11.94
N LYS A 229 3.75 -7.43 -13.05
CA LYS A 229 3.46 -6.28 -13.88
C LYS A 229 2.75 -5.19 -13.07
N LYS A 230 1.78 -5.58 -12.25
CA LYS A 230 1.03 -4.62 -11.45
C LYS A 230 1.95 -3.88 -10.48
N LEU A 231 2.85 -4.62 -9.81
CA LEU A 231 3.78 -4.00 -8.87
C LEU A 231 4.73 -3.05 -9.57
N LEU A 232 5.23 -3.43 -10.75
CA LEU A 232 6.16 -2.57 -11.48
C LEU A 232 5.46 -1.31 -12.02
N LYS A 233 4.20 -1.45 -12.40
CA LYS A 233 3.42 -0.29 -12.82
C LYS A 233 3.21 0.69 -11.67
N ASP A 234 2.93 0.16 -10.48
CA ASP A 234 2.53 0.99 -9.34
C ASP A 234 3.70 1.53 -8.52
N HIS A 235 4.84 0.84 -8.50
CA HIS A 235 5.87 1.14 -7.51
C HIS A 235 7.27 1.25 -8.11
N ALA A 236 7.40 1.24 -9.42
CA ALA A 236 8.63 1.60 -10.10
C ALA A 236 8.32 2.73 -11.08
N SER A 237 9.37 3.44 -11.48
CA SER A 237 9.21 4.53 -12.43
C SER A 237 10.06 4.25 -13.67
N SER A 238 9.52 4.61 -14.82
CA SER A 238 10.30 4.48 -16.04
C SER A 238 11.38 5.56 -16.06
N MET A 239 12.47 5.26 -16.73
CA MET A 239 13.57 6.19 -16.89
C MET A 239 13.78 6.46 -18.37
N PRO A 240 14.47 7.53 -18.73
CA PRO A 240 14.85 7.70 -20.14
C PRO A 240 15.72 6.54 -20.58
N ASN A 241 15.54 6.14 -21.84
CA ASN A 241 16.31 5.04 -22.41
C ASN A 241 15.98 3.73 -21.70
N ALA A 242 14.76 3.61 -21.17
CA ALA A 242 14.34 2.36 -20.53
C ALA A 242 14.44 1.18 -21.49
N GLU A 243 14.25 1.43 -22.79
CA GLU A 243 14.36 0.38 -23.80
C GLU A 243 15.73 -0.28 -23.82
N SER A 244 16.74 0.38 -23.27
CA SER A 244 18.10 -0.16 -23.24
C SER A 244 18.43 -0.88 -21.95
N TRP A 245 17.54 -0.87 -20.96
CA TRP A 245 17.78 -1.62 -19.73
C TRP A 245 17.37 -3.07 -19.95
N PRO A 246 18.29 -4.03 -19.90
CA PRO A 246 17.93 -5.42 -20.19
C PRO A 246 17.04 -6.02 -19.12
N VAL A 247 16.51 -7.19 -19.47
CA VAL A 247 15.84 -8.08 -18.54
C VAL A 247 16.71 -9.32 -18.39
N VAL A 248 16.95 -9.76 -17.15
CA VAL A 248 17.74 -10.96 -16.90
C VAL A 248 16.86 -11.96 -16.17
N GLY A 249 16.82 -13.19 -16.68
CA GLY A 249 16.13 -14.28 -16.00
C GLY A 249 17.09 -15.43 -15.81
N GLN A 250 16.96 -16.11 -14.67
CA GLN A 250 17.97 -17.07 -14.24
C GLN A 250 17.25 -18.17 -13.47
N PHE A 251 17.40 -19.43 -13.91
CA PHE A 251 16.46 -20.47 -13.49
C PHE A 251 17.12 -21.84 -13.58
N SER A 252 16.45 -22.84 -13.02
CA SER A 252 16.96 -24.21 -13.02
C SER A 252 16.16 -25.15 -13.92
N SER A 253 15.07 -24.68 -14.51
CA SER A 253 14.28 -25.51 -15.42
C SER A 253 13.55 -24.60 -16.39
N VAL A 254 13.19 -25.16 -17.54
CA VAL A 254 12.45 -24.45 -18.58
C VAL A 254 11.28 -25.32 -19.00
N GLY A 255 10.10 -24.69 -19.16
CA GLY A 255 8.94 -25.40 -19.65
C GLY A 255 8.86 -25.31 -21.17
N SER A 256 7.77 -25.87 -21.70
N SER A 256 7.78 -25.89 -21.70
CA SER A 256 7.46 -25.74 -23.12
CA SER A 256 7.46 -25.74 -23.12
C SER A 256 6.90 -24.35 -23.36
C SER A 256 6.90 -24.34 -23.34
N LEU A 257 7.63 -23.52 -24.09
CA LEU A 257 7.26 -22.12 -24.30
C LEU A 257 6.60 -21.86 -25.65
N GLY A 258 6.52 -22.84 -26.52
CA GLY A 258 5.91 -22.64 -27.81
C GLY A 258 6.91 -22.72 -28.94
N ALA A 259 6.38 -22.62 -30.16
CA ALA A 259 7.16 -22.84 -31.36
C ALA A 259 8.04 -21.64 -31.74
N ASP A 260 7.79 -20.46 -31.18
CA ASP A 260 8.68 -19.33 -31.39
C ASP A 260 8.51 -18.37 -30.23
N GLU A 261 9.36 -17.34 -30.21
CA GLU A 261 9.38 -16.43 -29.08
C GLU A 261 8.12 -15.59 -28.97
N SER A 262 7.36 -15.44 -30.05
CA SER A 262 6.14 -14.64 -30.01
C SER A 262 4.98 -15.33 -29.31
N LYS A 263 5.08 -16.64 -29.07
CA LYS A 263 3.95 -17.36 -28.50
C LYS A 263 3.73 -17.00 -27.03
N TRP A 264 4.81 -16.86 -26.26
CA TRP A 264 4.69 -16.53 -24.84
C TRP A 264 5.88 -15.75 -24.30
N LEU A 265 7.10 -16.15 -24.67
CA LEU A 265 8.28 -15.61 -24.02
C LEU A 265 8.41 -14.10 -24.22
N CYS A 266 8.36 -13.64 -25.46
CA CYS A 266 8.55 -12.23 -25.74
C CYS A 266 7.25 -11.47 -25.88
N SER A 267 6.11 -12.16 -25.84
CA SER A 267 4.82 -11.50 -26.03
C SER A 267 4.12 -11.16 -24.72
N GLU A 268 4.05 -12.09 -23.78
CA GLU A 268 3.43 -11.71 -22.52
C GLU A 268 4.39 -11.76 -21.34
N PHE A 269 5.30 -12.73 -21.28
CA PHE A 269 6.27 -12.80 -20.19
C PHE A 269 7.20 -11.58 -20.20
N LYS A 270 7.92 -11.39 -21.30
CA LYS A 270 8.83 -10.24 -21.37
C LYS A 270 8.07 -8.93 -21.23
N GLU A 271 6.86 -8.85 -21.79
CA GLU A 271 6.08 -7.62 -21.69
C GLU A 271 5.79 -7.26 -20.24
N SER A 272 5.47 -8.25 -19.40
CA SER A 272 5.30 -7.96 -17.98
C SER A 272 6.63 -7.57 -17.34
N MET A 273 7.71 -8.28 -17.67
CA MET A 273 9.01 -8.01 -17.07
C MET A 273 9.56 -6.64 -17.41
N LEU A 274 9.19 -6.10 -18.59
N LEU A 274 9.21 -6.08 -18.57
CA LEU A 274 9.66 -4.80 -19.04
CA LEU A 274 9.77 -4.79 -18.93
C LEU A 274 8.99 -3.64 -18.34
C LEU A 274 8.89 -3.62 -18.51
N THR A 275 7.80 -3.87 -17.78
CA THR A 275 6.98 -2.78 -17.27
C THR A 275 7.72 -1.91 -16.27
N LEU A 276 7.58 -0.59 -16.41
CA LEU A 276 8.05 0.36 -15.41
C LEU A 276 7.11 1.54 -15.42
N GLY A 277 6.46 1.80 -14.29
CA GLY A 277 5.62 2.98 -14.18
C GLY A 277 4.30 2.83 -14.91
N LYS A 278 3.53 3.93 -14.89
CA LYS A 278 2.10 3.90 -15.24
C LYS A 278 1.81 4.30 -16.68
N GLU A 279 2.81 4.73 -17.45
CA GLU A 279 2.53 5.18 -18.80
C GLU A 279 2.32 3.99 -19.73
N SER A 280 1.85 4.29 -20.94
CA SER A 280 1.48 3.26 -21.90
C SER A 280 2.71 2.62 -22.56
N SER A 286 9.31 -4.69 -28.96
CA SER A 286 10.32 -4.16 -28.05
C SER A 286 11.72 -4.70 -28.34
N SER A 287 12.71 -3.81 -28.26
CA SER A 287 14.11 -4.18 -28.45
C SER A 287 14.86 -4.27 -27.12
N VAL A 288 14.15 -4.36 -26.00
CA VAL A 288 14.79 -4.58 -24.71
C VAL A 288 15.53 -5.90 -24.77
N PRO A 289 16.84 -5.93 -24.50
CA PRO A 289 17.58 -7.21 -24.51
C PRO A 289 17.10 -8.15 -23.42
N LEU A 290 17.03 -9.44 -23.75
CA LEU A 290 16.63 -10.46 -22.79
C LEU A 290 17.76 -11.46 -22.63
N TYR A 291 18.32 -11.54 -21.42
CA TYR A 291 19.40 -12.49 -21.09
C TYR A 291 18.80 -13.59 -20.24
N LEU A 292 18.95 -14.85 -20.65
CA LEU A 292 18.52 -16.00 -19.85
C LEU A 292 19.76 -16.77 -19.41
N ILE A 293 19.87 -17.03 -18.12
CA ILE A 293 21.05 -17.69 -17.55
C ILE A 293 20.65 -19.11 -17.15
N TYR A 294 21.32 -20.11 -17.73
CA TYR A 294 20.97 -21.49 -17.49
C TYR A 294 22.21 -22.34 -17.73
N PRO A 295 22.56 -23.26 -16.84
CA PRO A 295 23.85 -23.97 -16.98
C PRO A 295 24.00 -24.72 -18.30
N SER A 296 25.17 -24.54 -18.92
CA SER A 296 25.60 -25.37 -20.04
C SER A 296 26.00 -26.76 -19.55
N VAL A 297 26.15 -27.69 -20.50
CA VAL A 297 26.67 -29.01 -20.16
C VAL A 297 28.04 -28.88 -19.50
N GLU A 298 28.89 -28.00 -20.02
N GLU A 298 28.90 -28.00 -20.03
CA GLU A 298 30.22 -27.84 -19.45
CA GLU A 298 30.23 -27.84 -19.45
C GLU A 298 30.16 -27.27 -18.04
C GLU A 298 30.16 -27.27 -18.04
N ASN A 299 29.23 -26.34 -17.78
CA ASN A 299 29.03 -25.86 -16.41
C ASN A 299 28.75 -27.01 -15.45
N VAL A 300 27.88 -27.94 -15.86
CA VAL A 300 27.50 -29.05 -15.00
C VAL A 300 28.66 -30.03 -14.85
N ARG A 301 29.30 -30.39 -15.96
CA ARG A 301 30.39 -31.36 -15.93
C ARG A 301 31.50 -30.94 -14.96
N THR A 302 31.87 -29.66 -14.99
CA THR A 302 32.99 -29.20 -14.19
C THR A 302 32.56 -28.70 -12.81
N SER A 303 31.30 -28.89 -12.43
CA SER A 303 30.79 -28.38 -11.17
C SER A 303 31.27 -29.24 -10.00
N LEU A 304 31.06 -28.71 -8.79
CA LEU A 304 31.45 -29.43 -7.58
C LEU A 304 30.81 -30.80 -7.51
N GLU A 305 29.53 -30.91 -7.89
CA GLU A 305 28.81 -32.18 -7.86
C GLU A 305 29.09 -33.05 -9.08
N GLY A 306 29.55 -32.45 -10.18
CA GLY A 306 29.65 -33.13 -11.44
C GLY A 306 28.28 -33.30 -12.07
N TYR A 307 28.21 -34.28 -12.98
CA TYR A 307 26.96 -34.56 -13.70
C TYR A 307 25.75 -34.74 -12.78
N PRO A 308 25.85 -35.30 -11.57
CA PRO A 308 24.67 -35.42 -10.70
C PRO A 308 23.98 -34.09 -10.39
N ALA A 309 24.70 -32.97 -10.48
CA ALA A 309 24.04 -31.68 -10.35
C ALA A 309 22.91 -31.52 -11.36
N GLY A 310 23.04 -32.17 -12.53
CA GLY A 310 22.02 -32.14 -13.55
C GLY A 310 20.73 -32.83 -13.18
N GLY A 311 20.74 -33.66 -12.14
CA GLY A 311 19.50 -34.19 -11.60
C GLY A 311 18.56 -33.12 -11.08
N SER A 312 19.08 -31.94 -10.76
CA SER A 312 18.29 -30.81 -10.27
C SER A 312 18.17 -29.71 -11.32
N LEU A 313 18.40 -30.05 -12.58
CA LEU A 313 18.23 -29.14 -13.72
C LEU A 313 17.39 -29.88 -14.76
N PRO A 314 16.09 -30.07 -14.50
CA PRO A 314 15.31 -31.10 -15.22
C PRO A 314 14.69 -30.61 -16.53
N TYR A 315 15.54 -30.10 -17.42
CA TYR A 315 15.16 -29.73 -18.79
C TYR A 315 15.23 -30.98 -19.66
N SER A 316 14.10 -31.43 -20.16
CA SER A 316 14.03 -32.69 -20.89
C SER A 316 14.30 -32.49 -22.38
N ILE A 317 14.81 -33.54 -23.03
CA ILE A 317 15.09 -33.42 -24.46
C ILE A 317 13.79 -33.29 -25.25
N GLN A 318 12.71 -33.91 -24.76
CA GLN A 318 11.43 -33.80 -25.45
C GLN A 318 10.99 -32.34 -25.53
N THR A 319 11.11 -31.61 -24.42
CA THR A 319 10.78 -30.18 -24.42
C THR A 319 11.78 -29.38 -25.26
N ALA A 320 13.07 -29.64 -25.11
CA ALA A 320 14.09 -28.77 -25.71
C ALA A 320 14.06 -28.84 -27.23
N GLU A 321 13.81 -30.03 -27.80
CA GLU A 321 13.86 -30.16 -29.25
C GLU A 321 12.71 -29.43 -29.94
N LYS A 322 11.66 -29.08 -29.19
CA LYS A 322 10.55 -28.30 -29.73
C LYS A 322 10.85 -26.80 -29.79
N GLN A 323 11.93 -26.34 -29.19
CA GLN A 323 12.14 -24.91 -29.05
C GLN A 323 13.64 -24.57 -29.12
N ASN A 324 14.33 -25.07 -30.15
CA ASN A 324 15.73 -24.72 -30.31
C ASN A 324 15.91 -23.21 -30.49
N TRP A 325 14.88 -22.49 -30.93
CA TRP A 325 14.97 -21.03 -31.02
C TRP A 325 15.35 -20.41 -29.67
N LEU A 326 14.93 -21.05 -28.57
CA LEU A 326 15.15 -20.48 -27.23
C LEU A 326 16.62 -20.43 -26.85
N HIS A 327 17.43 -21.37 -27.35
CA HIS A 327 18.76 -21.50 -26.80
C HIS A 327 19.70 -20.38 -27.23
N SER A 328 19.36 -19.62 -28.27
N SER A 328 19.35 -19.61 -28.26
CA SER A 328 20.16 -18.44 -28.59
CA SER A 328 20.13 -18.43 -28.62
C SER A 328 20.07 -17.36 -27.52
C SER A 328 19.99 -17.31 -27.59
N TYR A 329 19.13 -17.47 -26.59
CA TYR A 329 19.01 -16.53 -25.49
C TYR A 329 19.87 -16.92 -24.29
N PHE A 330 20.50 -18.10 -24.32
CA PHE A 330 21.07 -18.71 -23.14
C PHE A 330 22.51 -18.23 -22.89
N HIS A 331 22.79 -17.96 -21.62
CA HIS A 331 24.08 -17.51 -21.12
C HIS A 331 24.55 -18.45 -20.02
N LYS A 332 25.86 -18.62 -19.92
CA LYS A 332 26.46 -19.55 -18.96
C LYS A 332 26.24 -19.12 -17.52
N TRP A 333 26.32 -20.08 -16.62
CA TRP A 333 26.37 -19.78 -15.19
C TRP A 333 27.78 -19.34 -14.83
N SER A 334 27.89 -18.17 -14.25
CA SER A 334 29.18 -17.66 -13.79
C SER A 334 28.93 -16.87 -12.52
N ALA A 335 29.68 -17.17 -11.46
CA ALA A 335 29.41 -16.51 -10.19
C ALA A 335 30.71 -16.28 -9.42
N GLU A 336 31.74 -15.78 -10.10
CA GLU A 336 32.98 -15.43 -9.40
C GLU A 336 32.72 -14.45 -8.26
N THR A 337 31.72 -13.57 -8.42
CA THR A 337 31.46 -12.57 -7.39
C THR A 337 31.12 -13.21 -6.05
N SER A 338 30.54 -14.40 -6.04
CA SER A 338 30.23 -15.10 -4.79
C SER A 338 30.99 -16.40 -4.65
N GLY A 339 32.04 -16.60 -5.44
CA GLY A 339 32.82 -17.83 -5.39
C GLY A 339 32.08 -19.09 -5.77
N ARG A 340 31.01 -18.97 -6.56
CA ARG A 340 30.05 -20.04 -6.76
C ARG A 340 29.91 -20.47 -8.22
N SER A 341 30.90 -20.20 -9.08
CA SER A 341 30.79 -20.65 -10.47
C SER A 341 30.64 -22.16 -10.59
N ASN A 342 31.19 -22.93 -9.63
CA ASN A 342 31.08 -24.39 -9.70
C ASN A 342 29.99 -24.95 -8.79
N ALA A 343 29.16 -24.07 -8.20
CA ALA A 343 28.02 -24.48 -7.38
C ALA A 343 26.78 -24.25 -8.22
N MET A 344 26.24 -25.33 -8.80
CA MET A 344 25.19 -25.16 -9.79
C MET A 344 23.96 -24.48 -9.18
N PRO A 345 23.29 -23.64 -9.96
CA PRO A 345 22.18 -22.84 -9.43
C PRO A 345 20.89 -23.64 -9.32
N HIS A 346 20.28 -23.60 -8.14
CA HIS A 346 18.89 -23.95 -7.98
C HIS A 346 18.06 -22.76 -7.52
N ILE A 347 18.71 -21.66 -7.16
CA ILE A 347 18.04 -20.36 -7.02
C ILE A 347 17.40 -19.98 -8.36
N LYS A 348 16.34 -19.17 -8.31
CA LYS A 348 15.78 -18.52 -9.49
C LYS A 348 15.72 -17.05 -9.19
N THR A 349 16.17 -16.23 -10.15
CA THR A 349 16.16 -14.78 -9.96
C THR A 349 15.79 -14.12 -11.27
N TYR A 350 15.18 -12.93 -11.15
CA TYR A 350 14.85 -12.08 -12.28
C TYR A 350 15.19 -10.66 -11.88
N MET A 351 15.74 -9.86 -12.81
CA MET A 351 16.11 -8.50 -12.44
C MET A 351 16.21 -7.64 -13.69
N ARG A 352 16.34 -6.33 -13.46
CA ARG A 352 16.32 -5.32 -14.54
C ARG A 352 17.53 -4.41 -14.43
N PRO A 353 18.69 -4.84 -14.93
CA PRO A 353 19.90 -4.00 -14.85
C PRO A 353 19.87 -2.85 -15.85
N SER A 354 20.72 -1.86 -15.54
CA SER A 354 21.00 -0.74 -16.42
C SER A 354 21.85 -1.25 -17.61
N PRO A 355 21.97 -0.44 -18.67
CA PRO A 355 22.68 -0.92 -19.87
C PRO A 355 24.12 -1.32 -19.60
N ASP A 356 24.79 -0.72 -18.62
CA ASP A 356 26.15 -1.09 -18.26
C ASP A 356 26.20 -1.99 -17.02
N PHE A 357 25.05 -2.52 -16.58
CA PHE A 357 24.95 -3.49 -15.48
C PHE A 357 25.48 -2.95 -14.16
N SER A 358 25.57 -1.62 -14.01
CA SER A 358 26.07 -1.04 -12.77
C SER A 358 24.97 -0.79 -11.75
N LYS A 359 23.72 -0.71 -12.19
CA LYS A 359 22.56 -0.53 -11.33
C LYS A 359 21.50 -1.54 -11.72
N ILE A 360 20.48 -1.68 -10.85
CA ILE A 360 19.30 -2.47 -11.20
C ILE A 360 18.07 -1.73 -10.74
N ALA A 361 17.01 -1.82 -11.53
CA ALA A 361 15.74 -1.20 -11.19
C ALA A 361 14.92 -2.03 -10.21
N TRP A 362 15.23 -3.32 -10.08
CA TRP A 362 14.55 -4.22 -9.17
C TRP A 362 15.19 -5.60 -9.25
N PHE A 363 14.89 -6.43 -8.27
CA PHE A 363 15.44 -7.79 -8.17
C PHE A 363 14.37 -8.67 -7.55
N LEU A 364 14.19 -9.88 -8.09
CA LEU A 364 13.23 -10.84 -7.58
C LEU A 364 13.95 -12.17 -7.33
N VAL A 365 13.75 -12.76 -6.15
CA VAL A 365 14.18 -14.13 -5.91
C VAL A 365 12.93 -14.93 -5.68
N THR A 366 12.86 -16.12 -6.29
CA THR A 366 11.59 -16.83 -6.33
C THR A 366 11.85 -18.31 -6.53
N SER A 367 10.80 -19.11 -6.33
CA SER A 367 10.78 -20.50 -6.77
C SER A 367 10.43 -20.66 -8.25
N ALA A 368 9.94 -19.62 -8.92
CA ALA A 368 9.39 -19.76 -10.27
C ALA A 368 10.49 -19.92 -11.33
N ASN A 369 10.46 -21.06 -12.02
CA ASN A 369 11.30 -21.30 -13.19
C ASN A 369 10.71 -20.64 -14.43
N LEU A 370 11.38 -20.81 -15.58
CA LEU A 370 10.94 -20.17 -16.82
C LEU A 370 9.87 -21.06 -17.46
N SER A 371 8.65 -20.94 -16.97
CA SER A 371 7.57 -21.81 -17.43
C SER A 371 6.22 -21.12 -17.32
N LYS A 372 5.32 -21.47 -18.25
CA LYS A 372 3.94 -21.00 -18.19
C LYS A 372 3.21 -21.54 -16.96
N ALA A 373 3.57 -22.74 -16.52
CA ALA A 373 2.92 -23.32 -15.35
C ALA A 373 3.14 -22.45 -14.12
N ALA A 374 4.35 -21.87 -14.02
CA ALA A 374 4.75 -21.07 -12.86
C ALA A 374 4.26 -19.64 -12.94
N TRP A 375 4.38 -19.02 -14.11
CA TRP A 375 4.14 -17.61 -14.29
C TRP A 375 2.74 -17.30 -14.80
N GLY A 376 2.07 -18.28 -15.40
CA GLY A 376 0.75 -18.05 -15.94
C GLY A 376 0.78 -17.81 -17.45
N ALA A 377 -0.30 -18.23 -18.11
CA ALA A 377 -0.47 -17.99 -19.53
C ALA A 377 -1.88 -17.48 -19.77
N LEU A 378 -1.99 -16.48 -20.63
CA LEU A 378 -3.28 -15.89 -20.96
C LEU A 378 -4.12 -16.87 -21.76
N GLU A 379 -5.42 -16.92 -21.43
CA GLU A 379 -6.40 -17.78 -22.09
C GLU A 379 -7.65 -16.94 -22.36
N LYS A 380 -8.59 -17.52 -23.10
CA LYS A 380 -9.90 -16.91 -23.34
C LYS A 380 -9.77 -15.50 -23.90
N ASN A 381 -9.05 -15.39 -25.02
CA ASN A 381 -8.94 -14.12 -25.74
C ASN A 381 -8.29 -13.05 -24.87
N GLY A 382 -7.32 -13.46 -24.05
CA GLY A 382 -6.58 -12.53 -23.22
C GLY A 382 -7.28 -12.08 -21.96
N THR A 383 -8.41 -12.68 -21.60
CA THR A 383 -9.18 -12.22 -20.45
C THR A 383 -8.92 -13.04 -19.19
N GLN A 384 -8.17 -14.13 -19.29
CA GLN A 384 -8.01 -15.05 -18.19
C GLN A 384 -6.54 -15.45 -18.08
N LEU A 385 -5.99 -15.41 -16.87
CA LEU A 385 -4.63 -15.89 -16.62
C LEU A 385 -4.71 -17.25 -15.94
N MET A 386 -4.18 -18.28 -16.58
CA MET A 386 -4.24 -19.63 -16.04
C MET A 386 -2.86 -20.01 -15.52
N ILE A 387 -2.84 -20.43 -14.25
CA ILE A 387 -1.62 -20.84 -13.55
C ILE A 387 -1.83 -22.26 -13.06
N ARG A 388 -0.79 -23.10 -13.20
CA ARG A 388 -0.95 -24.48 -12.79
C ARG A 388 -0.36 -24.79 -11.42
N SER A 389 0.58 -23.99 -10.94
N SER A 389 0.55 -23.96 -10.93
CA SER A 389 1.43 -24.40 -9.82
CA SER A 389 1.42 -24.34 -9.83
C SER A 389 1.53 -23.31 -8.77
C SER A 389 1.34 -23.32 -8.69
N TYR A 390 1.86 -23.74 -7.55
CA TYR A 390 2.16 -22.83 -6.45
C TYR A 390 3.61 -22.37 -6.56
N GLU A 391 3.82 -21.06 -6.50
CA GLU A 391 5.16 -20.48 -6.49
C GLU A 391 5.19 -19.32 -5.51
N LEU A 392 6.39 -18.95 -5.05
CA LEU A 392 6.48 -17.82 -4.14
C LEU A 392 7.85 -17.16 -4.22
N GLY A 393 7.86 -15.83 -4.23
CA GLY A 393 9.10 -15.08 -4.24
C GLY A 393 8.91 -13.71 -3.61
N VAL A 394 10.01 -12.99 -3.45
CA VAL A 394 9.94 -11.62 -2.93
C VAL A 394 10.65 -10.68 -3.88
N LEU A 395 10.07 -9.50 -4.05
CA LEU A 395 10.51 -8.48 -4.97
C LEU A 395 11.11 -7.31 -4.20
N PHE A 396 12.35 -6.96 -4.55
CA PHE A 396 13.06 -5.80 -4.01
C PHE A 396 12.91 -4.64 -4.98
N LEU A 397 12.20 -3.57 -4.54
CA LEU A 397 12.00 -2.38 -5.35
C LEU A 397 12.71 -1.21 -4.69
N PRO A 398 13.47 -0.40 -5.45
CA PRO A 398 14.16 0.74 -4.84
C PRO A 398 13.23 1.66 -4.06
N SER A 399 12.02 1.90 -4.57
CA SER A 399 11.09 2.79 -3.87
C SER A 399 10.79 2.31 -2.45
N ALA A 400 10.79 1.01 -2.22
CA ALA A 400 10.54 0.51 -0.87
C ALA A 400 11.70 0.77 0.08
N PHE A 401 12.84 1.26 -0.44
CA PHE A 401 14.00 1.55 0.38
C PHE A 401 14.39 3.02 0.29
N GLY A 402 13.51 3.86 -0.26
CA GLY A 402 13.78 5.27 -0.41
C GLY A 402 14.79 5.60 -1.49
N LEU A 403 14.85 4.77 -2.54
CA LEU A 403 15.88 4.89 -3.56
C LEU A 403 15.25 4.89 -4.95
N ASP A 404 16.00 5.40 -5.94
CA ASP A 404 15.57 5.36 -7.32
C ASP A 404 16.05 4.12 -8.05
N SER A 405 17.21 3.59 -7.65
CA SER A 405 17.75 2.35 -8.18
C SER A 405 18.68 1.77 -7.13
N PHE A 406 19.08 0.52 -7.33
CA PHE A 406 20.07 -0.14 -6.49
C PHE A 406 21.41 -0.15 -7.23
N LYS A 407 22.48 0.21 -6.54
CA LYS A 407 23.81 -0.07 -7.09
C LYS A 407 24.09 -1.55 -6.94
N VAL A 408 24.80 -2.13 -7.91
CA VAL A 408 25.14 -3.55 -7.83
C VAL A 408 26.39 -3.72 -6.98
N LYS A 409 26.33 -4.62 -6.00
CA LYS A 409 27.48 -4.90 -5.16
C LYS A 409 28.57 -5.58 -5.99
N GLN A 410 29.82 -5.12 -5.85
CA GLN A 410 30.86 -5.58 -6.74
C GLN A 410 31.37 -6.97 -6.35
N LYS A 411 31.54 -7.22 -5.07
CA LYS A 411 31.82 -8.56 -4.54
C LYS A 411 30.71 -8.92 -3.55
N PHE A 412 30.06 -10.06 -3.79
CA PHE A 412 28.83 -10.39 -3.05
C PHE A 412 29.05 -10.35 -1.54
N PHE A 413 30.21 -10.82 -1.07
CA PHE A 413 30.49 -10.94 0.36
C PHE A 413 31.42 -9.85 0.89
N ALA A 414 31.64 -8.76 0.14
CA ALA A 414 32.57 -7.72 0.58
C ALA A 414 31.82 -6.63 1.34
N GLY A 415 32.52 -5.55 1.67
CA GLY A 415 31.93 -4.45 2.41
C GLY A 415 31.18 -3.46 1.56
N PRO A 419 28.59 1.49 0.81
CA PRO A 419 27.34 1.81 1.53
C PRO A 419 26.29 0.72 1.37
N MET A 420 25.91 0.08 2.48
CA MET A 420 25.03 -1.08 2.49
C MET A 420 23.77 -0.98 1.61
N ALA A 421 23.58 0.15 0.92
CA ALA A 421 22.48 0.32 -0.03
C ALA A 421 22.84 -0.17 -1.44
N THR A 422 23.77 -1.12 -1.53
CA THR A 422 24.10 -1.76 -2.79
C THR A 422 23.57 -3.20 -2.75
N PHE A 423 22.97 -3.63 -3.87
CA PHE A 423 22.28 -4.90 -3.78
C PHE A 423 23.21 -6.07 -4.11
N PRO A 424 23.18 -7.16 -3.32
CA PRO A 424 24.11 -8.27 -3.55
C PRO A 424 23.64 -9.23 -4.64
N VAL A 425 23.94 -8.92 -5.88
CA VAL A 425 23.64 -9.83 -7.00
C VAL A 425 24.59 -11.03 -6.93
N PRO A 426 24.09 -12.26 -6.89
CA PRO A 426 24.94 -13.42 -6.56
C PRO A 426 25.70 -14.00 -7.74
N TYR A 427 25.50 -13.53 -8.96
CA TYR A 427 26.26 -14.03 -10.10
C TYR A 427 26.82 -12.86 -10.90
N ASP A 428 27.69 -13.18 -11.86
CA ASP A 428 28.47 -12.16 -12.55
C ASP A 428 27.67 -11.44 -13.62
N LEU A 429 27.98 -10.15 -13.79
CA LEU A 429 27.43 -9.31 -14.85
C LEU A 429 28.57 -8.68 -15.64
N PRO A 430 28.41 -8.52 -16.96
CA PRO A 430 27.28 -8.97 -17.78
C PRO A 430 27.32 -10.50 -17.93
N PRO A 431 26.17 -11.13 -18.17
CA PRO A 431 26.18 -12.58 -18.38
C PRO A 431 26.89 -12.90 -19.69
N GLU A 432 27.46 -14.10 -19.76
CA GLU A 432 28.27 -14.50 -20.91
C GLU A 432 27.49 -15.46 -21.80
N LEU A 433 27.39 -15.11 -23.09
CA LEU A 433 26.65 -15.96 -24.02
C LEU A 433 27.32 -17.33 -24.15
N TYR A 434 26.50 -18.37 -24.34
CA TYR A 434 27.04 -19.68 -24.69
C TYR A 434 27.99 -19.54 -25.89
N GLY A 435 29.09 -20.29 -25.85
CA GLY A 435 29.93 -20.44 -27.03
C GLY A 435 29.31 -21.38 -28.05
N SER A 436 29.89 -21.38 -29.26
CA SER A 436 29.28 -22.14 -30.35
C SER A 436 29.26 -23.64 -30.07
N LYS A 437 30.16 -24.12 -29.23
CA LYS A 437 30.18 -25.54 -28.87
C LYS A 437 29.41 -25.84 -27.59
N ASP A 438 28.87 -24.82 -26.93
CA ASP A 438 28.08 -25.07 -25.72
C ASP A 438 26.68 -25.53 -26.06
N ARG A 439 26.10 -26.30 -25.15
CA ARG A 439 24.72 -26.77 -25.25
C ARG A 439 24.06 -26.60 -23.89
N PRO A 440 22.76 -26.36 -23.85
CA PRO A 440 22.08 -26.30 -22.56
C PRO A 440 22.10 -27.66 -21.89
N TRP A 441 22.20 -27.66 -20.56
CA TRP A 441 22.10 -28.93 -19.85
C TRP A 441 20.71 -29.54 -20.09
N ILE A 442 20.69 -30.78 -20.58
CA ILE A 442 19.46 -31.52 -20.81
C ILE A 442 19.60 -32.84 -20.08
N TRP A 443 18.69 -33.11 -19.14
CA TRP A 443 19.03 -34.08 -18.09
C TRP A 443 18.84 -35.53 -18.51
N ASN A 444 18.08 -35.80 -19.58
CA ASN A 444 17.74 -37.19 -19.91
C ASN A 444 18.33 -37.63 -21.24
N ILE A 445 19.52 -37.14 -21.58
CA ILE A 445 20.35 -37.69 -22.63
C ILE A 445 21.73 -37.96 -22.05
N PRO A 446 22.49 -38.88 -22.63
CA PRO A 446 23.81 -39.21 -22.06
C PRO A 446 24.90 -38.23 -22.48
N TYR A 447 25.90 -38.12 -21.61
CA TYR A 447 27.12 -37.35 -21.87
C TYR A 447 28.29 -38.25 -21.56
N VAL A 448 28.98 -38.71 -22.61
CA VAL A 448 30.00 -39.73 -22.46
C VAL A 448 31.31 -39.32 -23.14
N LYS A 449 31.43 -38.04 -23.51
CA LYS A 449 32.62 -37.56 -24.19
C LYS A 449 33.74 -37.23 -23.22
N ALA A 450 33.40 -36.68 -22.05
CA ALA A 450 34.37 -36.20 -21.09
C ALA A 450 33.83 -36.41 -19.69
N PRO A 451 34.65 -36.91 -18.77
CA PRO A 451 34.16 -37.21 -17.42
C PRO A 451 34.04 -35.98 -16.54
N ASP A 452 33.26 -36.12 -15.46
CA ASP A 452 33.01 -34.99 -14.58
C ASP A 452 34.07 -34.94 -13.48
N THR A 453 33.87 -34.06 -12.50
CA THR A 453 34.87 -33.85 -11.46
C THR A 453 35.03 -35.04 -10.54
N HIS A 454 34.16 -36.03 -10.62
CA HIS A 454 34.27 -37.23 -9.82
C HIS A 454 34.71 -38.42 -10.65
N GLY A 455 35.04 -38.21 -11.92
CA GLY A 455 35.51 -39.28 -12.78
C GLY A 455 34.44 -40.02 -13.55
N ASN A 456 33.21 -39.53 -13.58
CA ASN A 456 32.08 -40.30 -14.11
C ASN A 456 31.49 -39.66 -15.35
N MET A 457 30.82 -40.49 -16.15
CA MET A 457 29.97 -40.04 -17.24
C MET A 457 28.53 -39.92 -16.74
N TRP A 458 27.63 -39.54 -17.65
CA TRP A 458 26.21 -39.39 -17.34
C TRP A 458 25.42 -40.27 -18.29
N VAL A 459 24.79 -41.31 -17.75
CA VAL A 459 23.99 -42.23 -18.57
C VAL A 459 22.63 -42.41 -17.89
N PRO A 460 21.62 -41.61 -18.26
CA PRO A 460 20.28 -41.61 -17.64
C PRO A 460 19.57 -42.96 -17.69
N ASN B 15 -6.80 6.79 22.41
CA ASN B 15 -7.47 6.51 21.15
C ASN B 15 -6.46 6.40 20.01
N PRO B 16 -6.82 5.67 18.96
CA PRO B 16 -5.94 5.60 17.80
C PRO B 16 -6.27 6.67 16.77
N PHE B 17 -7.46 7.27 16.87
CA PHE B 17 -7.96 8.00 15.72
C PHE B 17 -7.42 9.41 15.64
N GLN B 18 -7.15 10.05 16.77
CA GLN B 18 -6.61 11.41 16.78
C GLN B 18 -7.51 12.36 15.98
N PHE B 19 -8.81 12.21 16.14
CA PHE B 19 -9.81 13.08 15.54
C PHE B 19 -10.40 13.94 16.65
N TYR B 20 -10.27 15.26 16.51
CA TYR B 20 -10.65 16.21 17.54
C TYR B 20 -11.66 17.22 17.01
N LEU B 21 -12.42 17.80 17.92
CA LEU B 21 -13.21 18.98 17.60
C LEU B 21 -12.52 20.22 18.14
N THR B 22 -12.83 21.37 17.55
CA THR B 22 -12.30 22.61 18.10
C THR B 22 -13.07 23.00 19.35
N ARG B 23 -12.41 23.79 20.19
CA ARG B 23 -13.05 24.32 21.39
C ARG B 23 -14.21 25.24 21.01
N VAL B 24 -15.31 25.15 21.78
CA VAL B 24 -16.49 25.98 21.52
C VAL B 24 -16.71 26.86 22.75
N SER B 25 -16.73 28.17 22.55
N SER B 25 -16.72 28.17 22.54
CA SER B 25 -16.98 29.10 23.64
CA SER B 25 -16.98 29.11 23.64
C SER B 25 -18.46 29.12 23.98
C SER B 25 -18.46 29.12 23.98
N GLY B 26 -18.77 29.03 25.27
CA GLY B 26 -20.14 29.15 25.71
C GLY B 26 -20.87 27.84 25.93
N VAL B 27 -20.17 26.71 25.88
CA VAL B 27 -20.73 25.44 26.30
C VAL B 27 -20.06 25.04 27.61
N LYS B 28 -20.69 24.10 28.30
CA LYS B 28 -20.15 23.60 29.56
C LYS B 28 -18.76 23.01 29.34
N PRO B 29 -17.85 23.14 30.32
CA PRO B 29 -16.48 22.65 30.13
C PRO B 29 -16.38 21.18 29.78
N LYS B 30 -17.34 20.35 30.18
CA LYS B 30 -17.27 18.93 29.86
C LYS B 30 -17.28 18.69 28.34
N TYR B 31 -17.86 19.62 27.59
CA TYR B 31 -17.91 19.50 26.14
C TYR B 31 -16.68 20.06 25.45
N ASN B 32 -15.71 20.58 26.20
CA ASN B 32 -14.44 21.01 25.65
C ASN B 32 -13.28 20.17 26.19
N SER B 33 -13.57 19.14 26.98
CA SER B 33 -12.50 18.37 27.63
C SER B 33 -11.55 17.76 26.61
N GLY B 34 -12.09 17.08 25.60
CA GLY B 34 -11.24 16.53 24.57
C GLY B 34 -11.01 17.40 23.35
N ALA B 35 -11.38 18.68 23.41
CA ALA B 35 -11.31 19.56 22.24
C ALA B 35 -9.98 20.29 22.19
N LEU B 36 -9.68 20.88 21.02
CA LEU B 36 -8.40 21.56 20.80
C LEU B 36 -8.64 22.95 20.27
N HIS B 37 -7.98 23.93 20.89
CA HIS B 37 -7.87 25.25 20.30
C HIS B 37 -6.59 25.33 19.48
N ILE B 38 -6.54 26.30 18.56
CA ILE B 38 -5.33 26.45 17.75
C ILE B 38 -4.12 26.72 18.65
N LYS B 39 -4.30 27.44 19.76
CA LYS B 39 -3.17 27.65 20.67
C LYS B 39 -2.68 26.33 21.27
N ASP B 40 -3.56 25.34 21.45
CA ASP B 40 -3.12 24.03 21.91
C ASP B 40 -2.27 23.34 20.85
N ILE B 41 -2.67 23.46 19.58
CA ILE B 41 -1.95 22.78 18.51
C ILE B 41 -0.54 23.33 18.38
N LEU B 42 -0.36 24.64 18.53
CA LEU B 42 0.91 25.30 18.35
C LEU B 42 1.74 25.38 19.62
N SER B 43 1.28 24.79 20.71
CA SER B 43 1.94 24.87 22.00
C SER B 43 3.32 24.21 21.95
N PRO B 44 4.27 24.66 22.78
N PRO B 44 4.26 24.67 22.77
CA PRO B 44 5.55 23.95 22.88
CA PRO B 44 5.55 23.95 22.89
C PRO B 44 5.41 22.52 23.33
C PRO B 44 5.41 22.52 23.33
N LEU B 45 4.28 22.17 23.96
CA LEU B 45 4.06 20.78 24.34
C LEU B 45 3.94 19.88 23.12
N PHE B 46 3.55 20.43 21.97
CA PHE B 46 3.46 19.62 20.75
C PHE B 46 4.80 19.46 20.03
N GLY B 47 5.79 20.27 20.36
CA GLY B 47 7.10 20.22 19.73
C GLY B 47 7.74 21.59 19.73
N THR B 48 9.05 21.62 19.50
CA THR B 48 9.82 22.86 19.45
C THR B 48 9.86 23.38 18.01
N LEU B 49 8.99 24.33 17.70
CA LEU B 49 8.74 24.74 16.33
C LEU B 49 9.98 25.37 15.69
N VAL B 50 10.30 24.92 14.48
CA VAL B 50 11.37 25.50 13.68
C VAL B 50 10.80 26.28 12.50
N SER B 51 9.73 25.78 11.89
N SER B 51 9.72 25.78 11.89
CA SER B 51 9.09 26.45 10.77
CA SER B 51 9.11 26.39 10.72
C SER B 51 7.71 25.83 10.60
C SER B 51 7.74 25.79 10.54
N SER B 52 6.86 26.51 9.84
CA SER B 52 5.50 26.02 9.62
C SER B 52 4.96 26.49 8.29
N ALA B 53 4.00 25.73 7.76
CA ALA B 53 3.24 26.09 6.58
C ALA B 53 1.76 26.04 6.94
N GLN B 54 1.02 27.07 6.55
CA GLN B 54 -0.42 27.18 6.83
C GLN B 54 -1.13 27.24 5.48
N PHE B 55 -1.76 26.12 5.10
CA PHE B 55 -2.62 26.06 3.93
C PHE B 55 -4.02 26.43 4.37
N ASN B 56 -4.66 27.34 3.65
CA ASN B 56 -6.02 27.72 4.02
C ASN B 56 -6.64 28.57 2.92
N TYR B 57 -7.87 29.00 3.19
CA TYR B 57 -8.64 29.84 2.30
C TYR B 57 -8.59 31.30 2.72
N CYS B 58 -8.94 31.62 3.96
N CYS B 58 -8.91 31.58 3.99
CA CYS B 58 -8.85 33.01 4.38
CA CYS B 58 -8.99 32.93 4.54
C CYS B 58 -8.15 33.10 5.73
C CYS B 58 -8.06 33.04 5.75
N PHE B 59 -7.43 34.21 5.91
CA PHE B 59 -6.45 34.41 6.96
C PHE B 59 -6.70 35.75 7.63
N ASP B 60 -6.52 35.79 8.95
CA ASP B 60 -6.31 37.01 9.72
C ASP B 60 -4.90 36.90 10.30
N VAL B 61 -3.94 37.55 9.63
CA VAL B 61 -2.54 37.30 9.96
C VAL B 61 -2.20 37.85 11.34
N ASP B 62 -2.73 39.02 11.69
N ASP B 62 -2.73 39.02 11.69
CA ASP B 62 -2.51 39.55 13.03
CA ASP B 62 -2.52 39.56 13.03
C ASP B 62 -2.98 38.55 14.08
C ASP B 62 -3.00 38.58 14.09
N TRP B 63 -4.19 38.00 13.89
CA TRP B 63 -4.71 37.01 14.82
C TRP B 63 -3.86 35.74 14.80
N LEU B 64 -3.49 35.28 13.59
CA LEU B 64 -2.77 34.02 13.47
C LEU B 64 -1.45 34.06 14.22
N VAL B 65 -0.70 35.15 14.07
CA VAL B 65 0.61 35.24 14.71
C VAL B 65 0.47 35.18 16.23
N LYS B 66 -0.60 35.78 16.77
CA LYS B 66 -0.83 35.73 18.21
C LYS B 66 -1.21 34.33 18.70
N GLN B 67 -1.60 33.42 17.82
CA GLN B 67 -1.87 32.05 18.24
C GLN B 67 -0.60 31.23 18.41
N TYR B 68 0.52 31.66 17.77
CA TYR B 68 1.77 30.98 18.04
C TYR B 68 2.30 31.42 19.39
N PRO B 69 2.96 30.52 20.13
CA PRO B 69 3.57 30.93 21.39
C PRO B 69 4.61 32.00 21.14
N PRO B 70 4.83 32.89 22.12
CA PRO B 70 5.80 33.98 21.90
C PRO B 70 7.16 33.50 21.42
N GLU B 71 7.66 32.40 21.97
CA GLU B 71 8.98 31.90 21.63
C GLU B 71 9.08 31.34 20.21
N PHE B 72 7.95 31.14 19.52
CA PHE B 72 7.94 30.65 18.14
C PHE B 72 7.45 31.69 17.16
N ARG B 73 7.12 32.90 17.63
CA ARG B 73 6.37 33.83 16.81
C ARG B 73 7.19 34.41 15.66
N LYS B 74 8.52 34.30 15.69
CA LYS B 74 9.34 34.80 14.61
C LYS B 74 9.87 33.70 13.70
N LYS B 75 9.57 32.43 13.99
CA LYS B 75 9.95 31.34 13.10
C LYS B 75 9.28 31.53 11.74
N PRO B 76 9.87 31.02 10.66
CA PRO B 76 9.29 31.24 9.34
C PRO B 76 7.91 30.59 9.22
N ILE B 77 7.00 31.30 8.54
CA ILE B 77 5.65 30.83 8.28
C ILE B 77 5.38 31.00 6.80
N LEU B 78 4.85 29.96 6.16
CA LEU B 78 4.43 30.02 4.76
C LEU B 78 2.91 29.95 4.70
N LEU B 79 2.29 30.97 4.11
CA LEU B 79 0.85 30.99 3.88
C LEU B 79 0.56 30.50 2.46
N VAL B 80 -0.15 29.40 2.33
CA VAL B 80 -0.56 28.89 1.03
C VAL B 80 -2.03 29.23 0.83
N HIS B 81 -2.32 29.99 -0.24
CA HIS B 81 -3.63 30.57 -0.48
C HIS B 81 -3.94 30.53 -1.97
N GLY B 82 -5.14 30.97 -2.34
CA GLY B 82 -5.55 30.99 -3.73
C GLY B 82 -5.99 32.36 -4.22
N ASP B 83 -5.69 33.41 -3.46
CA ASP B 83 -6.21 34.75 -3.76
C ASP B 83 -5.51 35.33 -4.98
N LYS B 84 -6.28 36.08 -5.78
CA LYS B 84 -5.78 36.77 -6.97
C LYS B 84 -6.09 38.27 -6.88
N ARG B 85 -5.41 39.03 -7.75
CA ARG B 85 -5.72 40.45 -8.01
C ARG B 85 -5.67 41.23 -6.69
N GLU B 86 -6.70 42.01 -6.35
CA GLU B 86 -6.60 42.83 -5.14
C GLU B 86 -6.75 42.00 -3.87
N ALA B 87 -7.48 40.88 -3.93
CA ALA B 87 -7.53 39.98 -2.78
C ALA B 87 -6.13 39.51 -2.40
N LYS B 88 -5.31 39.18 -3.40
CA LYS B 88 -3.93 38.79 -3.13
C LYS B 88 -3.12 39.97 -2.58
N ALA B 89 -3.36 41.16 -3.12
CA ALA B 89 -2.69 42.35 -2.59
C ALA B 89 -3.04 42.57 -1.11
N HIS B 90 -4.31 42.39 -0.75
CA HIS B 90 -4.71 42.57 0.64
C HIS B 90 -3.98 41.60 1.56
N LEU B 91 -3.90 40.32 1.16
CA LEU B 91 -3.23 39.35 2.01
C LEU B 91 -1.75 39.68 2.16
N HIS B 92 -1.10 40.10 1.07
CA HIS B 92 0.28 40.56 1.16
C HIS B 92 0.40 41.73 2.13
N ALA B 93 -0.58 42.65 2.10
CA ALA B 93 -0.58 43.77 3.03
C ALA B 93 -0.64 43.31 4.49
N GLN B 94 -1.50 42.33 4.78
CA GLN B 94 -1.58 41.78 6.14
C GLN B 94 -0.25 41.24 6.60
N ALA B 95 0.47 40.56 5.71
CA ALA B 95 1.69 39.86 6.10
C ALA B 95 2.91 40.77 6.14
N LYS B 96 2.88 41.93 5.47
CA LYS B 96 4.05 42.82 5.39
C LYS B 96 4.69 43.10 6.74
N PRO B 97 3.95 43.43 7.81
CA PRO B 97 4.62 43.73 9.09
C PRO B 97 5.46 42.60 9.64
N TYR B 98 5.24 41.36 9.22
CA TYR B 98 5.95 40.21 9.79
C TYR B 98 6.95 39.71 8.76
N GLU B 99 8.25 39.91 9.06
CA GLU B 99 9.30 39.63 8.09
C GLU B 99 9.50 38.14 7.88
N ASN B 100 9.00 37.30 8.79
CA ASN B 100 9.16 35.86 8.72
C ASN B 100 8.06 35.16 7.94
N ILE B 101 7.11 35.90 7.36
CA ILE B 101 5.96 35.30 6.71
C ILE B 101 6.15 35.40 5.20
N SER B 102 6.21 34.25 4.53
CA SER B 102 6.22 34.17 3.08
C SER B 102 4.85 33.68 2.59
N LEU B 103 4.58 33.92 1.31
CA LEU B 103 3.29 33.59 0.73
C LEU B 103 3.47 32.73 -0.53
N CYS B 104 2.56 31.77 -0.70
CA CYS B 104 2.51 30.90 -1.88
C CYS B 104 1.10 30.96 -2.45
N GLN B 105 0.98 31.47 -3.67
CA GLN B 105 -0.31 31.56 -4.33
C GLN B 105 -0.51 30.30 -5.15
N ALA B 106 -1.43 29.44 -4.70
CA ALA B 106 -1.76 28.23 -5.42
C ALA B 106 -2.43 28.60 -6.74
N LYS B 107 -1.93 28.04 -7.84
CA LYS B 107 -2.49 28.35 -9.14
C LYS B 107 -3.90 27.78 -9.27
N LEU B 108 -4.80 28.58 -9.84
CA LEU B 108 -6.19 28.21 -10.03
C LEU B 108 -6.56 28.52 -11.48
N ASP B 109 -6.13 27.64 -12.39
CA ASP B 109 -6.27 27.92 -13.81
C ASP B 109 -7.60 27.45 -14.39
N ILE B 110 -8.45 26.82 -13.60
CA ILE B 110 -9.82 26.52 -14.02
C ILE B 110 -10.74 27.51 -13.33
N ALA B 111 -11.70 28.03 -14.08
CA ALA B 111 -12.58 29.06 -13.54
C ALA B 111 -13.40 28.53 -12.36
N PHE B 112 -13.76 29.44 -11.46
CA PHE B 112 -14.65 29.17 -10.33
C PHE B 112 -14.06 28.12 -9.39
N GLY B 113 -12.74 28.17 -9.21
CA GLY B 113 -12.04 27.25 -8.32
C GLY B 113 -11.55 27.97 -7.08
N THR B 114 -11.40 27.22 -5.99
CA THR B 114 -10.99 27.75 -4.71
C THR B 114 -9.85 26.93 -4.13
N HIS B 115 -8.97 27.59 -3.40
CA HIS B 115 -8.01 26.86 -2.57
C HIS B 115 -8.66 26.63 -1.22
N HIS B 116 -9.36 25.51 -1.08
N HIS B 116 -9.31 25.49 -1.07
CA HIS B 116 -10.10 25.23 0.15
CA HIS B 116 -10.12 25.18 0.10
C HIS B 116 -9.27 24.51 1.21
C HIS B 116 -9.39 24.33 1.15
N THR B 117 -8.26 23.76 0.79
CA THR B 117 -7.48 22.91 1.70
C THR B 117 -7.05 23.64 2.98
N LYS B 118 -7.30 23.00 4.13
CA LYS B 118 -6.89 23.50 5.43
C LYS B 118 -5.94 22.50 6.05
N MET B 119 -4.67 22.88 6.13
CA MET B 119 -3.61 22.00 6.58
C MET B 119 -2.50 22.80 7.24
N MET B 120 -1.92 22.23 8.28
CA MET B 120 -0.71 22.75 8.91
C MET B 120 0.43 21.75 8.71
N LEU B 121 1.58 22.24 8.27
CA LEU B 121 2.82 21.46 8.32
C LEU B 121 3.70 22.10 9.40
N LEU B 122 4.07 21.32 10.39
CA LEU B 122 4.75 21.83 11.58
C LEU B 122 6.09 21.12 11.74
N LEU B 123 7.18 21.82 11.44
CA LEU B 123 8.52 21.25 11.56
C LEU B 123 9.10 21.60 12.92
N TYR B 124 9.50 20.57 13.67
CA TYR B 124 10.08 20.69 15.00
C TYR B 124 11.54 20.26 15.01
N GLU B 125 12.23 20.62 16.10
CA GLU B 125 13.53 20.03 16.38
C GLU B 125 13.43 18.52 16.59
N GLU B 126 12.26 18.06 17.03
CA GLU B 126 12.06 16.66 17.36
C GLU B 126 11.47 15.85 16.21
N GLY B 127 11.01 16.50 15.15
CA GLY B 127 10.36 15.78 14.07
C GLY B 127 9.41 16.67 13.29
N LEU B 128 8.36 16.05 12.75
CA LEU B 128 7.44 16.70 11.84
C LEU B 128 6.02 16.29 12.21
N ARG B 129 5.08 17.24 12.13
CA ARG B 129 3.66 16.97 12.34
C ARG B 129 2.83 17.54 11.18
N VAL B 130 1.79 16.81 10.80
CA VAL B 130 0.82 17.25 9.80
C VAL B 130 -0.54 17.37 10.49
N VAL B 131 -1.20 18.50 10.30
CA VAL B 131 -2.55 18.74 10.82
C VAL B 131 -3.47 18.99 9.63
N ILE B 132 -4.51 18.18 9.48
CA ILE B 132 -5.49 18.40 8.44
C ILE B 132 -6.81 18.68 9.13
N HIS B 133 -7.41 19.83 8.82
CA HIS B 133 -8.52 20.33 9.63
C HIS B 133 -9.49 21.08 8.75
N THR B 134 -10.48 21.75 9.36
CA THR B 134 -11.57 22.36 8.59
C THR B 134 -11.76 23.85 8.85
N SER B 135 -10.92 24.49 9.66
CA SER B 135 -11.13 25.88 10.10
C SER B 135 -10.31 26.87 9.28
N ASN B 136 -10.95 27.98 8.91
CA ASN B 136 -10.19 29.12 8.41
C ASN B 136 -9.36 29.74 9.54
N LEU B 137 -8.31 30.49 9.18
CA LEU B 137 -7.41 31.05 10.20
C LEU B 137 -7.90 32.45 10.59
N ILE B 138 -9.11 32.49 11.14
CA ILE B 138 -9.74 33.71 11.63
C ILE B 138 -10.41 33.37 12.95
N HIS B 139 -10.52 34.36 13.83
CA HIS B 139 -11.06 34.11 15.17
C HIS B 139 -12.41 33.40 15.11
N ALA B 140 -13.28 33.81 14.19
CA ALA B 140 -14.66 33.33 14.21
C ALA B 140 -14.75 31.83 13.91
N ASP B 141 -13.80 31.30 13.15
CA ASP B 141 -13.90 29.89 12.82
C ASP B 141 -13.51 28.97 13.96
N TRP B 142 -12.89 29.49 15.02
CA TRP B 142 -12.47 28.70 16.16
C TRP B 142 -13.25 29.07 17.43
N HIS B 143 -14.31 29.86 17.29
CA HIS B 143 -15.00 30.42 18.46
C HIS B 143 -16.22 29.58 18.84
N GLN B 144 -17.25 29.56 18.01
CA GLN B 144 -18.49 28.86 18.35
C GLN B 144 -18.99 27.96 17.23
N LYS B 145 -18.07 27.40 16.43
CA LYS B 145 -18.45 26.48 15.35
C LYS B 145 -18.02 25.06 15.68
N THR B 146 -18.69 24.10 15.04
CA THR B 146 -18.22 22.72 15.05
C THR B 146 -17.23 22.56 13.89
N GLN B 147 -15.98 22.28 14.23
CA GLN B 147 -14.89 22.07 13.29
C GLN B 147 -14.15 20.82 13.67
N GLY B 148 -13.49 20.20 12.68
CA GLY B 148 -12.80 18.93 12.88
C GLY B 148 -11.33 19.07 12.61
N ILE B 149 -10.52 18.27 13.33
CA ILE B 149 -9.07 18.27 13.28
C ILE B 149 -8.57 16.83 13.29
N TRP B 150 -7.65 16.49 12.37
CA TRP B 150 -6.85 15.28 12.49
C TRP B 150 -5.41 15.67 12.79
N LEU B 151 -4.85 15.06 13.84
CA LEU B 151 -3.46 15.27 14.25
C LEU B 151 -2.63 14.04 13.87
N SER B 152 -1.60 14.25 13.07
CA SER B 152 -0.66 13.19 12.79
C SER B 152 0.15 12.87 14.05
N PRO B 153 0.74 11.67 14.11
CA PRO B 153 1.78 11.42 15.12
C PRO B 153 2.96 12.35 14.90
N LEU B 154 3.84 12.39 15.88
CA LEU B 154 5.13 13.04 15.71
C LEU B 154 5.99 12.14 14.83
N TYR B 155 6.32 12.60 13.64
CA TYR B 155 7.11 11.84 12.70
C TYR B 155 8.58 12.12 12.95
N PRO B 156 9.40 11.11 13.27
CA PRO B 156 10.83 11.36 13.48
C PRO B 156 11.58 11.53 12.17
N ARG B 157 12.73 12.19 12.27
CA ARG B 157 13.58 12.33 11.10
C ARG B 157 14.28 11.00 10.82
N ILE B 158 14.41 10.67 9.53
CA ILE B 158 15.18 9.49 9.16
C ILE B 158 16.66 9.81 9.34
N ALA B 159 17.36 8.95 10.07
CA ALA B 159 18.79 9.13 10.28
C ALA B 159 19.49 9.32 8.93
N ASP B 160 20.38 10.30 8.86
CA ASP B 160 21.08 10.53 7.60
C ASP B 160 22.17 9.49 7.41
N GLY B 161 22.37 9.10 6.15
CA GLY B 161 23.05 7.88 5.82
C GLY B 161 22.15 6.66 5.77
N THR B 162 21.01 6.70 6.45
CA THR B 162 20.04 5.61 6.42
C THR B 162 19.13 5.76 5.21
N HIS B 163 18.89 4.66 4.50
CA HIS B 163 17.96 4.62 3.38
C HIS B 163 16.74 3.78 3.80
N LYS B 164 15.64 4.47 4.10
CA LYS B 164 14.34 3.87 4.38
C LYS B 164 13.29 4.63 3.60
N SER B 165 12.14 3.98 3.35
CA SER B 165 11.07 4.69 2.66
C SER B 165 10.38 5.69 3.59
N GLY B 166 10.27 5.35 4.86
CA GLY B 166 9.44 6.13 5.76
C GLY B 166 7.97 6.05 5.45
N GLU B 167 7.55 5.03 4.69
CA GLU B 167 6.20 4.99 4.14
C GLU B 167 5.28 4.17 5.06
N SER B 168 4.01 4.55 5.07
N SER B 168 4.00 4.54 5.07
CA SER B 168 3.01 3.85 5.87
CA SER B 168 2.99 3.89 5.87
C SER B 168 2.25 2.85 5.03
C SER B 168 2.20 2.89 5.03
N PRO B 169 1.56 1.89 5.66
CA PRO B 169 0.70 0.98 4.88
C PRO B 169 -0.41 1.69 4.12
N THR B 170 -0.75 2.94 4.48
CA THR B 170 -1.77 3.68 3.75
C THR B 170 -1.19 4.57 2.65
N HIS B 171 0.13 4.48 2.40
CA HIS B 171 0.81 5.25 1.35
C HIS B 171 0.73 6.75 1.58
N PHE B 172 0.54 7.16 2.85
CA PHE B 172 0.30 8.58 3.15
C PHE B 172 1.49 9.46 2.75
N LYS B 173 2.72 8.99 2.96
CA LYS B 173 3.87 9.84 2.65
C LYS B 173 3.94 10.17 1.17
N ALA B 174 3.90 9.15 0.31
CA ALA B 174 3.88 9.42 -1.13
C ALA B 174 2.65 10.20 -1.56
N ASP B 175 1.50 9.93 -0.93
CA ASP B 175 0.28 10.60 -1.36
C ASP B 175 0.31 12.09 -0.99
N LEU B 176 0.88 12.42 0.18
CA LEU B 176 1.02 13.81 0.57
C LEU B 176 2.00 14.53 -0.33
N ILE B 177 3.14 13.90 -0.64
CA ILE B 177 4.10 14.51 -1.55
C ILE B 177 3.47 14.72 -2.92
N SER B 178 2.69 13.74 -3.40
N SER B 178 2.70 13.74 -3.39
CA SER B 178 2.00 13.91 -4.68
CA SER B 178 2.00 13.89 -4.67
C SER B 178 1.03 15.08 -4.63
C SER B 178 1.03 15.07 -4.63
N TYR B 179 0.33 15.26 -3.50
CA TYR B 179 -0.61 16.37 -3.39
C TYR B 179 0.13 17.69 -3.48
N LEU B 180 1.25 17.80 -2.77
CA LEU B 180 2.05 19.03 -2.80
C LEU B 180 2.70 19.24 -4.16
N MET B 181 3.07 18.15 -4.84
CA MET B 181 3.73 18.29 -6.15
C MET B 181 2.81 18.96 -7.16
N ALA B 182 1.51 18.77 -7.03
CA ALA B 182 0.55 19.32 -7.97
C ALA B 182 0.52 20.85 -7.93
N TYR B 183 1.00 21.47 -6.85
CA TYR B 183 1.06 22.93 -6.81
C TYR B 183 2.11 23.47 -7.77
N ASN B 184 3.16 22.69 -8.03
CA ASN B 184 4.27 23.13 -8.88
C ASN B 184 4.85 24.45 -8.35
N ALA B 185 5.03 24.53 -7.04
CA ALA B 185 5.41 25.76 -6.38
C ALA B 185 6.77 25.61 -5.72
N PRO B 186 7.70 26.54 -5.93
CA PRO B 186 9.02 26.39 -5.31
C PRO B 186 9.00 26.36 -3.80
N SER B 187 8.13 27.13 -3.13
CA SER B 187 8.15 27.11 -1.67
C SER B 187 7.67 25.77 -1.14
N LEU B 188 6.84 25.07 -1.90
CA LEU B 188 6.34 23.77 -1.47
C LEU B 188 7.31 22.64 -1.82
N LYS B 189 8.15 22.81 -2.85
CA LYS B 189 9.19 21.82 -3.06
C LYS B 189 10.12 21.72 -1.86
N GLU B 190 10.30 22.84 -1.14
CA GLU B 190 11.09 22.79 0.08
C GLU B 190 10.41 21.95 1.16
N TRP B 191 9.08 22.03 1.25
CA TRP B 191 8.38 21.20 2.22
C TRP B 191 8.32 19.74 1.78
N ILE B 192 8.23 19.49 0.47
CA ILE B 192 8.35 18.13 -0.04
C ILE B 192 9.68 17.51 0.40
N ASP B 193 10.76 18.28 0.33
CA ASP B 193 12.06 17.73 0.74
C ASP B 193 12.11 17.47 2.24
N VAL B 194 11.44 18.30 3.05
CA VAL B 194 11.33 18.02 4.47
C VAL B 194 10.60 16.71 4.71
N ILE B 195 9.47 16.53 4.03
CA ILE B 195 8.69 15.30 4.23
C ILE B 195 9.52 14.07 3.84
N HIS B 196 10.27 14.16 2.73
CA HIS B 196 11.14 13.05 2.33
C HIS B 196 12.06 12.62 3.47
N LYS B 197 12.54 13.56 4.27
CA LYS B 197 13.50 13.26 5.32
C LYS B 197 12.86 12.69 6.58
N HIS B 198 11.54 12.55 6.64
CA HIS B 198 10.89 12.06 7.85
C HIS B 198 10.22 10.70 7.64
N ASP B 199 10.03 10.01 8.76
CA ASP B 199 9.44 8.67 8.81
C ASP B 199 7.95 8.82 9.13
N LEU B 200 7.09 8.64 8.12
CA LEU B 200 5.65 8.76 8.30
C LEU B 200 4.97 7.40 8.41
N SER B 201 5.72 6.35 8.73
CA SER B 201 5.21 4.98 8.65
C SER B 201 4.12 4.69 9.66
N GLU B 202 4.02 5.45 10.74
CA GLU B 202 2.96 5.19 11.72
C GLU B 202 1.58 5.67 11.28
N THR B 203 1.46 6.32 10.13
CA THR B 203 0.19 6.94 9.73
C THR B 203 -0.82 5.87 9.36
N ASN B 204 -2.02 5.96 9.96
N ASN B 204 -2.02 5.94 9.95
CA ASN B 204 -3.07 4.96 9.75
CA ASN B 204 -3.03 4.92 9.66
C ASN B 204 -4.26 5.50 8.97
C ASN B 204 -4.29 5.52 9.02
N VAL B 205 -4.19 6.70 8.42
CA VAL B 205 -5.26 7.25 7.61
C VAL B 205 -4.82 7.34 6.16
N TYR B 206 -5.79 7.35 5.26
CA TYR B 206 -5.57 7.58 3.84
C TYR B 206 -5.86 9.03 3.48
N LEU B 207 -4.98 9.61 2.68
CA LEU B 207 -5.17 10.97 2.19
C LEU B 207 -6.14 10.97 1.01
N ILE B 208 -7.10 11.90 1.03
CA ILE B 208 -8.00 12.09 -0.09
C ILE B 208 -7.92 13.56 -0.46
N GLY B 209 -7.22 13.87 -1.55
CA GLY B 209 -7.11 15.24 -2.01
C GLY B 209 -7.84 15.49 -3.32
N SER B 210 -8.13 16.76 -3.57
CA SER B 210 -8.53 17.25 -4.88
C SER B 210 -7.53 18.31 -5.29
N THR B 211 -7.25 18.38 -6.60
N THR B 211 -7.21 18.35 -6.58
CA THR B 211 -6.40 19.42 -7.17
CA THR B 211 -6.40 19.43 -7.16
C THR B 211 -6.99 19.80 -8.51
C THR B 211 -7.04 19.81 -8.49
N PRO B 212 -6.86 21.06 -8.94
CA PRO B 212 -7.53 21.47 -10.18
C PRO B 212 -6.94 20.77 -11.39
N GLY B 213 -7.80 20.35 -12.29
CA GLY B 213 -7.32 19.79 -13.53
C GLY B 213 -8.38 18.98 -14.24
N ARG B 214 -7.94 18.37 -15.34
N ARG B 214 -7.94 18.36 -15.34
CA ARG B 214 -8.76 17.45 -16.13
CA ARG B 214 -8.76 17.45 -16.13
C ARG B 214 -7.95 16.16 -16.23
C ARG B 214 -7.96 16.15 -16.24
N PHE B 215 -8.41 15.12 -15.55
CA PHE B 215 -7.65 13.89 -15.36
C PHE B 215 -8.26 12.76 -16.18
N GLN B 216 -7.41 12.04 -16.90
CA GLN B 216 -7.85 10.95 -17.76
C GLN B 216 -7.02 9.71 -17.44
N GLY B 217 -7.52 8.57 -17.90
CA GLY B 217 -6.81 7.32 -17.69
C GLY B 217 -6.69 7.00 -16.20
N SER B 218 -5.55 6.45 -15.83
CA SER B 218 -5.33 6.07 -14.44
C SER B 218 -5.30 7.30 -13.53
N GLN B 219 -4.90 8.45 -14.06
CA GLN B 219 -4.84 9.66 -13.24
C GLN B 219 -6.20 10.05 -12.70
N LYS B 220 -7.29 9.56 -13.29
CA LYS B 220 -8.62 9.80 -12.75
C LYS B 220 -8.72 9.35 -11.30
N ASP B 221 -8.00 8.30 -10.92
CA ASP B 221 -8.11 7.72 -9.58
C ASP B 221 -7.33 8.49 -8.53
N ASN B 222 -6.62 9.55 -8.92
CA ASN B 222 -5.74 10.23 -7.97
C ASN B 222 -6.49 11.16 -7.04
N TRP B 223 -7.65 11.68 -7.47
CA TRP B 223 -8.25 12.84 -6.82
C TRP B 223 -9.76 12.69 -6.70
N GLY B 224 -10.34 13.48 -5.78
CA GLY B 224 -11.78 13.63 -5.78
C GLY B 224 -12.52 12.33 -5.49
N HIS B 225 -13.72 12.22 -6.05
CA HIS B 225 -14.56 11.10 -5.68
C HIS B 225 -14.09 9.80 -6.32
N PHE B 226 -13.30 9.86 -7.39
CA PHE B 226 -12.68 8.64 -7.90
C PHE B 226 -11.56 8.14 -6.98
N ARG B 227 -10.86 9.06 -6.30
CA ARG B 227 -9.88 8.66 -5.32
C ARG B 227 -10.55 7.90 -4.17
N LEU B 228 -11.67 8.43 -3.67
CA LEU B 228 -12.43 7.74 -2.65
C LEU B 228 -12.87 6.37 -3.15
N LYS B 229 -13.43 6.33 -4.35
CA LYS B 229 -13.91 5.07 -4.92
C LYS B 229 -12.79 4.04 -4.98
N LYS B 230 -11.60 4.43 -5.43
CA LYS B 230 -10.52 3.46 -5.54
C LYS B 230 -10.08 2.95 -4.17
N LEU B 231 -10.06 3.83 -3.16
CA LEU B 231 -9.68 3.39 -1.83
C LEU B 231 -10.69 2.43 -1.24
N LEU B 232 -11.98 2.67 -1.48
CA LEU B 232 -13.02 1.80 -0.95
C LEU B 232 -13.00 0.45 -1.66
N LYS B 233 -12.74 0.48 -2.96
CA LYS B 233 -12.58 -0.75 -3.74
C LYS B 233 -11.44 -1.60 -3.20
N ASP B 234 -10.27 -0.98 -2.98
CA ASP B 234 -9.06 -1.71 -2.63
C ASP B 234 -8.94 -2.05 -1.15
N HIS B 235 -9.61 -1.31 -0.25
CA HIS B 235 -9.30 -1.41 1.17
C HIS B 235 -10.52 -1.54 2.08
N ALA B 236 -11.71 -1.68 1.51
CA ALA B 236 -12.90 -2.02 2.27
C ALA B 236 -13.49 -3.30 1.68
N SER B 237 -14.33 -3.98 2.46
CA SER B 237 -15.02 -5.18 2.00
C SER B 237 -16.52 -4.92 2.01
N SER B 238 -17.23 -5.53 1.07
CA SER B 238 -18.67 -5.42 1.03
C SER B 238 -19.27 -6.50 1.91
N MET B 239 -20.23 -6.11 2.75
CA MET B 239 -20.89 -7.00 3.69
C MET B 239 -22.26 -7.42 3.16
N PRO B 240 -22.84 -8.48 3.72
CA PRO B 240 -24.22 -8.83 3.33
C PRO B 240 -25.17 -7.68 3.63
N ASN B 241 -26.14 -7.49 2.74
CA ASN B 241 -27.12 -6.42 2.88
C ASN B 241 -26.45 -5.05 2.85
N ALA B 242 -25.38 -4.92 2.05
CA ALA B 242 -24.71 -3.63 1.90
C ALA B 242 -25.67 -2.56 1.37
N GLU B 243 -26.65 -2.96 0.57
CA GLU B 243 -27.64 -2.04 0.02
C GLU B 243 -28.40 -1.28 1.11
N SER B 244 -28.39 -1.78 2.34
CA SER B 244 -29.12 -1.18 3.44
C SER B 244 -28.26 -0.28 4.32
N TRP B 245 -26.95 -0.25 4.09
CA TRP B 245 -26.05 0.65 4.81
C TRP B 245 -26.13 2.03 4.17
N PRO B 246 -26.66 3.02 4.87
CA PRO B 246 -26.79 4.36 4.29
C PRO B 246 -25.44 5.01 4.03
N VAL B 247 -25.51 6.06 3.21
CA VAL B 247 -24.43 7.01 3.02
C VAL B 247 -24.85 8.33 3.67
N VAL B 248 -23.97 8.91 4.48
CA VAL B 248 -24.23 10.19 5.14
C VAL B 248 -23.22 11.20 4.65
N GLY B 249 -23.70 12.37 4.23
CA GLY B 249 -22.83 13.49 3.91
C GLY B 249 -23.24 14.71 4.68
N GLN B 250 -22.25 15.51 5.08
CA GLN B 250 -22.47 16.60 6.04
C GLN B 250 -21.51 17.73 5.68
N PHE B 251 -22.03 18.95 5.46
CA PHE B 251 -21.24 19.95 4.76
C PHE B 251 -21.73 21.35 5.16
N SER B 252 -20.96 22.37 4.77
CA SER B 252 -21.34 23.75 5.05
C SER B 252 -21.78 24.53 3.81
N SER B 253 -21.73 23.93 2.63
CA SER B 253 -22.18 24.60 1.42
C SER B 253 -22.50 23.56 0.38
N VAL B 254 -23.30 23.97 -0.61
CA VAL B 254 -23.74 23.12 -1.71
C VAL B 254 -23.51 23.86 -3.01
N GLY B 255 -22.95 23.16 -4.00
CA GLY B 255 -22.81 23.71 -5.34
C GLY B 255 -24.03 23.42 -6.20
N SER B 256 -23.94 23.86 -7.45
CA SER B 256 -24.98 23.56 -8.43
C SER B 256 -24.80 22.11 -8.88
N LEU B 257 -25.78 21.27 -8.57
CA LEU B 257 -25.69 19.83 -8.80
C LEU B 257 -26.39 19.37 -10.08
N GLY B 258 -27.19 20.22 -10.70
CA GLY B 258 -27.90 19.88 -11.91
C GLY B 258 -29.41 19.91 -11.73
N ALA B 259 -30.11 19.61 -12.83
CA ALA B 259 -31.55 19.74 -12.87
C ALA B 259 -32.28 18.63 -12.10
N ASP B 260 -31.63 17.51 -11.84
CA ASP B 260 -32.19 16.46 -11.01
C ASP B 260 -31.05 15.59 -10.48
N GLU B 261 -31.41 14.62 -9.63
CA GLU B 261 -30.40 13.82 -8.95
C GLU B 261 -29.62 12.93 -9.91
N SER B 262 -30.15 12.67 -11.11
CA SER B 262 -29.47 11.78 -12.05
C SER B 262 -28.29 12.43 -12.73
N LYS B 263 -28.16 13.76 -12.67
CA LYS B 263 -27.10 14.43 -13.41
C LYS B 263 -25.73 14.28 -12.75
N TRP B 264 -25.68 14.10 -11.43
CA TRP B 264 -24.39 13.99 -10.76
C TRP B 264 -24.49 13.36 -9.38
N LEU B 265 -25.46 13.81 -8.57
CA LEU B 265 -25.51 13.41 -7.17
C LEU B 265 -25.68 11.91 -7.01
N CYS B 266 -26.74 11.35 -7.58
CA CYS B 266 -27.06 9.94 -7.42
C CYS B 266 -26.54 9.08 -8.56
N SER B 267 -25.82 9.66 -9.51
CA SER B 267 -25.29 8.90 -10.63
C SER B 267 -23.79 8.65 -10.48
N GLU B 268 -22.99 9.68 -10.22
CA GLU B 268 -21.56 9.44 -10.03
C GLU B 268 -21.05 9.73 -8.62
N PHE B 269 -21.59 10.73 -7.93
CA PHE B 269 -21.13 11.01 -6.57
C PHE B 269 -21.51 9.87 -5.63
N LYS B 270 -22.80 9.56 -5.54
CA LYS B 270 -23.26 8.49 -4.67
C LYS B 270 -22.68 7.15 -5.10
N GLU B 271 -22.52 6.94 -6.41
CA GLU B 271 -21.93 5.70 -6.92
C GLU B 271 -20.54 5.45 -6.35
N SER B 272 -19.70 6.50 -6.30
CA SER B 272 -18.40 6.35 -5.66
C SER B 272 -18.54 6.10 -4.16
N MET B 273 -19.45 6.84 -3.50
CA MET B 273 -19.59 6.71 -2.06
C MET B 273 -20.13 5.36 -1.62
N LEU B 274 -20.90 4.67 -2.49
N LEU B 274 -20.89 4.67 -2.47
CA LEU B 274 -21.46 3.37 -2.15
CA LEU B 274 -21.45 3.38 -2.08
C LEU B 274 -20.43 2.26 -2.23
C LEU B 274 -20.52 2.21 -2.41
N THR B 275 -19.33 2.47 -2.96
CA THR B 275 -18.41 1.39 -3.30
C THR B 275 -17.86 0.70 -2.06
N LEU B 276 -17.85 -0.63 -2.10
CA LEU B 276 -17.18 -1.45 -1.09
C LEU B 276 -16.61 -2.67 -1.79
N GLY B 277 -15.30 -2.87 -1.69
CA GLY B 277 -14.70 -4.08 -2.25
C GLY B 277 -14.58 -4.04 -3.77
N LYS B 278 -14.07 -5.15 -4.31
CA LYS B 278 -13.67 -5.20 -5.71
C LYS B 278 -14.67 -5.88 -6.63
N GLU B 279 -15.81 -6.33 -6.11
CA GLU B 279 -16.80 -6.97 -6.96
C GLU B 279 -17.57 -5.92 -7.76
N SER B 280 -18.39 -6.40 -8.70
CA SER B 280 -19.13 -5.52 -9.59
C SER B 280 -20.40 -4.99 -8.93
N SER B 286 -29.55 2.45 -7.78
CA SER B 286 -29.24 1.94 -6.45
C SER B 286 -30.31 2.33 -5.42
N SER B 287 -30.47 1.49 -4.41
CA SER B 287 -31.47 1.69 -3.37
C SER B 287 -30.86 2.17 -2.06
N VAL B 288 -29.57 2.52 -2.06
CA VAL B 288 -28.91 2.88 -0.79
C VAL B 288 -29.44 4.24 -0.34
N PRO B 289 -29.87 4.39 0.91
CA PRO B 289 -30.36 5.68 1.38
C PRO B 289 -29.23 6.70 1.47
N LEU B 290 -29.52 7.94 1.09
CA LEU B 290 -28.58 9.04 1.14
C LEU B 290 -29.12 10.10 2.09
N TYR B 291 -28.39 10.36 3.18
CA TYR B 291 -28.73 11.35 4.19
C TYR B 291 -27.79 12.52 4.05
N LEU B 292 -28.31 13.71 3.80
CA LEU B 292 -27.49 14.91 3.71
C LEU B 292 -27.82 15.80 4.89
N ILE B 293 -26.80 16.19 5.64
CA ILE B 293 -26.98 16.99 6.85
C ILE B 293 -26.51 18.40 6.57
N TYR B 294 -27.41 19.37 6.72
CA TYR B 294 -27.14 20.75 6.38
C TYR B 294 -28.07 21.62 7.22
N PRO B 295 -27.56 22.66 7.88
CA PRO B 295 -28.39 23.42 8.83
C PRO B 295 -29.64 24.02 8.19
N SER B 296 -30.78 23.82 8.86
CA SER B 296 -32.01 24.53 8.54
C SER B 296 -31.90 25.99 8.96
N VAL B 297 -32.84 26.80 8.47
CA VAL B 297 -32.92 28.19 8.93
C VAL B 297 -33.09 28.24 10.44
N GLU B 298 -33.94 27.36 10.99
N GLU B 298 -33.94 27.36 10.99
CA GLU B 298 -34.16 27.33 12.43
CA GLU B 298 -34.16 27.33 12.43
C GLU B 298 -32.90 26.93 13.19
C GLU B 298 -32.90 26.94 13.18
N ASN B 299 -32.13 25.98 12.65
CA ASN B 299 -30.86 25.62 13.28
C ASN B 299 -29.96 26.84 13.42
N VAL B 300 -29.87 27.65 12.35
CA VAL B 300 -29.02 28.83 12.39
C VAL B 300 -29.60 29.90 13.32
N ARG B 301 -30.91 30.14 13.22
CA ARG B 301 -31.54 31.19 14.01
C ARG B 301 -31.29 31.02 15.50
N THR B 302 -31.38 29.79 16.00
CA THR B 302 -31.24 29.54 17.42
C THR B 302 -29.83 29.07 17.80
N SER B 303 -28.84 29.27 16.93
CA SER B 303 -27.49 28.87 17.24
C SER B 303 -26.83 29.83 18.23
N LEU B 304 -25.64 29.46 18.68
CA LEU B 304 -24.90 30.33 19.60
C LEU B 304 -24.64 31.70 18.98
N GLU B 305 -24.40 31.73 17.66
CA GLU B 305 -24.11 32.97 16.95
C GLU B 305 -25.36 33.68 16.44
N GLY B 306 -26.47 32.97 16.31
CA GLY B 306 -27.64 33.48 15.65
C GLY B 306 -27.42 33.48 14.15
N TYR B 307 -28.16 34.35 13.48
CA TYR B 307 -28.09 34.43 12.02
C TYR B 307 -26.67 34.64 11.48
N PRO B 308 -25.76 35.35 12.15
CA PRO B 308 -24.41 35.53 11.58
C PRO B 308 -23.63 34.24 11.40
N ALA B 309 -24.03 33.14 12.06
CA ALA B 309 -23.42 31.85 11.73
C ALA B 309 -23.61 31.53 10.26
N GLY B 310 -24.72 32.00 9.68
CA GLY B 310 -25.02 31.75 8.28
C GLY B 310 -24.10 32.45 7.31
N GLY B 311 -23.25 33.37 7.79
CA GLY B 311 -22.21 33.91 6.94
C GLY B 311 -21.18 32.87 6.54
N SER B 312 -21.12 31.76 7.27
CA SER B 312 -20.21 30.66 6.98
C SER B 312 -20.94 29.43 6.43
N LEU B 313 -22.18 29.63 5.98
CA LEU B 313 -22.98 28.60 5.30
C LEU B 313 -23.43 29.17 3.96
N PRO B 314 -22.52 29.32 3.00
CA PRO B 314 -22.79 30.19 1.84
C PRO B 314 -23.52 29.49 0.68
N TYR B 315 -24.68 28.93 0.99
CA TYR B 315 -25.61 28.40 -0.02
C TYR B 315 -26.47 29.55 -0.54
N SER B 316 -26.31 29.88 -1.83
CA SER B 316 -26.97 31.05 -2.39
C SER B 316 -28.33 30.69 -2.96
N ILE B 317 -29.22 31.69 -3.01
CA ILE B 317 -30.57 31.45 -3.55
C ILE B 317 -30.50 31.13 -5.03
N GLN B 318 -29.54 31.71 -5.75
CA GLN B 318 -29.40 31.43 -7.18
C GLN B 318 -29.14 29.95 -7.41
N THR B 319 -28.28 29.34 -6.60
CA THR B 319 -28.02 27.92 -6.72
C THR B 319 -29.22 27.09 -6.25
N ALA B 320 -29.79 27.45 -5.10
CA ALA B 320 -30.83 26.61 -4.48
C ALA B 320 -32.09 26.54 -5.33
N GLU B 321 -32.52 27.66 -5.91
CA GLU B 321 -33.79 27.67 -6.62
C GLU B 321 -33.77 26.81 -7.86
N LYS B 322 -32.58 26.46 -8.37
CA LYS B 322 -32.45 25.57 -9.51
C LYS B 322 -32.46 24.10 -9.13
N GLN B 323 -32.48 23.76 -7.85
CA GLN B 323 -32.36 22.37 -7.45
C GLN B 323 -33.19 22.10 -6.19
N ASN B 324 -34.44 22.55 -6.19
CA ASN B 324 -35.29 22.27 -5.04
C ASN B 324 -35.48 20.77 -4.81
N TRP B 325 -35.30 19.95 -5.86
CA TRP B 325 -35.32 18.50 -5.67
C TRP B 325 -34.34 18.06 -4.60
N LEU B 326 -33.22 18.78 -4.44
CA LEU B 326 -32.18 18.34 -3.51
C LEU B 326 -32.66 18.39 -2.06
N HIS B 327 -33.58 19.28 -1.73
CA HIS B 327 -33.84 19.56 -0.32
C HIS B 327 -34.66 18.48 0.36
N SER B 328 -35.30 17.58 -0.38
N SER B 328 -35.30 17.58 -0.38
CA SER B 328 -35.93 16.41 0.21
CA SER B 328 -35.93 16.42 0.23
C SER B 328 -34.92 15.46 0.84
C SER B 328 -34.91 15.45 0.83
N TYR B 329 -33.64 15.63 0.52
CA TYR B 329 -32.57 14.83 1.12
C TYR B 329 -32.05 15.43 2.42
N PHE B 330 -32.47 16.64 2.79
CA PHE B 330 -31.78 17.38 3.84
C PHE B 330 -32.28 17.00 5.23
N HIS B 331 -31.33 16.88 6.16
CA HIS B 331 -31.56 16.54 7.55
C HIS B 331 -30.95 17.63 8.44
N LYS B 332 -31.55 17.84 9.60
CA LYS B 332 -31.15 18.91 10.51
C LYS B 332 -29.76 18.66 11.11
N TRP B 333 -29.11 19.74 11.51
CA TRP B 333 -27.91 19.64 12.34
C TRP B 333 -28.34 19.36 13.78
N SER B 334 -27.84 18.26 14.34
CA SER B 334 -28.08 17.92 15.73
C SER B 334 -26.83 17.24 16.25
N ALA B 335 -26.34 17.70 17.41
CA ALA B 335 -25.07 17.19 17.93
C ALA B 335 -25.10 17.16 19.46
N GLU B 336 -26.21 16.66 20.03
CA GLU B 336 -26.27 16.48 21.48
C GLU B 336 -25.11 15.63 21.99
N THR B 337 -24.66 14.65 21.20
CA THR B 337 -23.56 13.80 21.60
C THR B 337 -22.31 14.58 21.98
N SER B 338 -22.07 15.72 21.33
CA SER B 338 -20.89 16.52 21.64
C SER B 338 -21.26 17.89 22.18
N GLY B 339 -22.51 18.07 22.63
CA GLY B 339 -22.95 19.33 23.16
C GLY B 339 -22.95 20.47 22.17
N ARG B 340 -23.05 20.17 20.87
CA ARG B 340 -22.78 21.16 19.83
C ARG B 340 -23.96 21.39 18.89
N SER B 341 -25.21 21.11 19.33
CA SER B 341 -26.34 21.41 18.47
C SER B 341 -26.45 22.89 18.15
N ASN B 342 -25.95 23.77 19.01
CA ASN B 342 -26.01 25.20 18.72
C ASN B 342 -24.70 25.77 18.17
N ALA B 343 -23.70 24.92 17.92
CA ALA B 343 -22.44 25.35 17.31
C ALA B 343 -22.50 24.95 15.84
N MET B 344 -22.75 25.90 14.95
CA MET B 344 -23.05 25.53 13.57
C MET B 344 -21.86 24.85 12.92
N PRO B 345 -22.08 23.87 12.04
CA PRO B 345 -20.97 23.11 11.49
C PRO B 345 -20.24 23.86 10.38
N HIS B 346 -18.92 23.92 10.49
CA HIS B 346 -18.08 24.21 9.35
C HIS B 346 -17.20 23.01 9.00
N ILE B 347 -17.21 21.98 9.86
CA ILE B 347 -16.65 20.67 9.51
C ILE B 347 -17.41 20.10 8.31
N LYS B 348 -16.72 19.24 7.54
CA LYS B 348 -17.36 18.43 6.50
C LYS B 348 -16.99 16.98 6.75
N THR B 349 -17.99 16.10 6.75
CA THR B 349 -17.76 14.69 7.01
C THR B 349 -18.64 13.84 6.08
N TYR B 350 -18.14 12.66 5.75
CA TYR B 350 -18.87 11.68 4.97
C TYR B 350 -18.62 10.31 5.60
N MET B 351 -19.64 9.45 5.64
CA MET B 351 -19.46 8.18 6.33
C MET B 351 -20.52 7.19 5.88
N ARG B 352 -20.31 5.93 6.27
CA ARG B 352 -21.12 4.80 5.82
C ARG B 352 -21.61 4.00 7.02
N PRO B 353 -22.70 4.43 7.66
CA PRO B 353 -23.20 3.72 8.83
C PRO B 353 -23.93 2.43 8.47
N SER B 354 -24.08 1.58 9.48
CA SER B 354 -24.91 0.38 9.37
C SER B 354 -26.37 0.77 9.40
N PRO B 355 -27.29 -0.14 9.07
CA PRO B 355 -28.70 0.26 8.99
C PRO B 355 -29.27 0.76 10.31
N ASP B 356 -28.76 0.32 11.44
CA ASP B 356 -29.21 0.83 12.73
C ASP B 356 -28.24 1.86 13.31
N PHE B 357 -27.28 2.34 12.52
CA PHE B 357 -26.36 3.42 12.87
C PHE B 357 -25.49 3.09 14.08
N SER B 358 -25.33 1.80 14.41
CA SER B 358 -24.49 1.41 15.53
C SER B 358 -23.04 1.22 15.13
N LYS B 359 -22.78 1.06 13.84
CA LYS B 359 -21.44 0.81 13.31
C LYS B 359 -21.25 1.68 12.08
N ILE B 360 -19.99 1.86 11.67
CA ILE B 360 -19.68 2.54 10.42
C ILE B 360 -18.59 1.77 9.68
N ALA B 361 -18.72 1.71 8.35
CA ALA B 361 -17.73 1.06 7.49
C ALA B 361 -16.54 1.95 7.16
N TRP B 362 -16.68 3.27 7.33
CA TRP B 362 -15.58 4.21 7.13
C TRP B 362 -16.06 5.60 7.49
N PHE B 363 -15.11 6.50 7.69
CA PHE B 363 -15.39 7.88 8.08
C PHE B 363 -14.36 8.77 7.40
N LEU B 364 -14.83 9.88 6.82
CA LEU B 364 -13.99 10.84 6.14
C LEU B 364 -14.23 12.22 6.73
N VAL B 365 -13.17 12.91 7.13
CA VAL B 365 -13.25 14.33 7.47
C VAL B 365 -12.46 15.10 6.42
N THR B 366 -13.03 16.18 5.92
CA THR B 366 -12.43 16.82 4.74
C THR B 366 -12.84 18.29 4.69
N SER B 367 -12.18 19.02 3.78
CA SER B 367 -12.62 20.36 3.43
C SER B 367 -13.72 20.35 2.36
N ALA B 368 -13.98 19.21 1.72
CA ALA B 368 -14.82 19.19 0.52
C ALA B 368 -16.31 19.27 0.87
N ASN B 369 -16.96 20.34 0.40
CA ASN B 369 -18.40 20.51 0.45
C ASN B 369 -19.08 19.68 -0.64
N LEU B 370 -20.41 19.75 -0.70
CA LEU B 370 -21.18 18.96 -1.65
C LEU B 370 -21.25 19.73 -2.97
N SER B 371 -20.21 19.57 -3.77
CA SER B 371 -20.09 20.32 -5.01
C SER B 371 -19.28 19.55 -6.02
N LYS B 372 -19.63 19.72 -7.30
CA LYS B 372 -18.80 19.19 -8.38
C LYS B 372 -17.42 19.82 -8.40
N ALA B 373 -17.31 21.09 -8.01
CA ALA B 373 -16.01 21.75 -8.01
C ALA B 373 -15.04 21.07 -7.06
N ALA B 374 -15.53 20.52 -5.95
CA ALA B 374 -14.69 19.92 -4.94
C ALA B 374 -14.40 18.46 -5.21
N TRP B 375 -15.42 17.73 -5.64
CA TRP B 375 -15.33 16.29 -5.79
C TRP B 375 -15.01 15.84 -7.20
N GLY B 376 -15.25 16.69 -8.18
CA GLY B 376 -14.99 16.36 -9.56
C GLY B 376 -16.26 15.98 -10.30
N ALA B 377 -16.27 16.27 -11.62
CA ALA B 377 -17.37 15.91 -12.49
C ALA B 377 -16.81 15.32 -13.79
N LEU B 378 -17.40 14.21 -14.22
CA LEU B 378 -16.95 13.56 -15.44
C LEU B 378 -17.27 14.40 -16.67
N GLU B 379 -16.35 14.40 -17.63
CA GLU B 379 -16.51 15.09 -18.90
C GLU B 379 -16.11 14.14 -20.03
N LYS B 380 -16.42 14.57 -21.25
CA LYS B 380 -16.04 13.88 -22.48
C LYS B 380 -16.46 12.41 -22.45
N ASN B 381 -17.77 12.22 -22.28
CA ASN B 381 -18.40 10.90 -22.19
C ASN B 381 -17.64 9.99 -21.22
N GLY B 382 -17.35 10.53 -20.04
CA GLY B 382 -16.80 9.73 -18.96
C GLY B 382 -15.31 9.49 -19.01
N THR B 383 -14.59 10.13 -19.93
CA THR B 383 -13.15 9.91 -20.07
C THR B 383 -12.32 10.83 -19.18
N GLN B 384 -12.87 11.97 -18.79
CA GLN B 384 -12.12 12.99 -18.08
C GLN B 384 -12.83 13.33 -16.77
N LEU B 385 -12.07 13.45 -15.68
CA LEU B 385 -12.58 13.94 -14.41
C LEU B 385 -12.08 15.38 -14.23
N MET B 386 -13.00 16.34 -14.24
CA MET B 386 -12.65 17.74 -14.08
C MET B 386 -12.89 18.19 -12.64
N ILE B 387 -11.85 18.76 -12.03
CA ILE B 387 -11.89 19.30 -10.68
C ILE B 387 -11.46 20.75 -10.74
N ARG B 388 -12.16 21.62 -10.00
CA ARG B 388 -11.84 23.05 -10.03
C ARG B 388 -10.97 23.51 -8.87
N SER B 389 -11.05 22.84 -7.72
CA SER B 389 -10.51 23.37 -6.46
C SER B 389 -9.48 22.45 -5.84
N TYR B 390 -8.76 23.00 -4.87
CA TYR B 390 -7.92 22.22 -3.95
C TYR B 390 -8.77 21.83 -2.75
N GLU B 391 -8.76 20.55 -2.39
CA GLU B 391 -9.45 20.05 -1.21
C GLU B 391 -8.57 19.01 -0.54
N LEU B 392 -8.79 18.75 0.76
CA LEU B 392 -7.97 17.73 1.40
C LEU B 392 -8.71 17.17 2.61
N GLY B 393 -8.63 15.86 2.78
CA GLY B 393 -9.22 15.19 3.93
C GLY B 393 -8.51 13.89 4.24
N VAL B 394 -8.93 13.24 5.32
CA VAL B 394 -8.34 11.97 5.71
C VAL B 394 -9.46 10.96 5.92
N LEU B 395 -9.20 9.74 5.46
CA LEU B 395 -10.17 8.66 5.46
C LEU B 395 -9.75 7.63 6.51
N PHE B 396 -10.70 7.28 7.39
CA PHE B 396 -10.51 6.24 8.39
C PHE B 396 -11.20 4.98 7.89
N LEU B 397 -10.40 3.94 7.61
CA LEU B 397 -10.93 2.65 7.20
C LEU B 397 -10.64 1.60 8.25
N PRO B 398 -11.62 0.77 8.62
CA PRO B 398 -11.39 -0.26 9.65
C PRO B 398 -10.18 -1.16 9.37
N SER B 399 -9.97 -1.53 8.11
CA SER B 399 -8.82 -2.38 7.78
C SER B 399 -7.50 -1.75 8.20
N ALA B 400 -7.39 -0.43 8.17
CA ALA B 400 -6.15 0.21 8.57
C ALA B 400 -5.91 0.11 10.07
N PHE B 401 -6.91 -0.34 10.82
CA PHE B 401 -6.81 -0.49 12.27
C PHE B 401 -6.99 -1.94 12.69
N GLY B 402 -6.97 -2.88 11.75
CA GLY B 402 -7.17 -4.27 12.06
C GLY B 402 -8.59 -4.62 12.45
N LEU B 403 -9.57 -3.86 11.96
CA LEU B 403 -10.97 -4.07 12.29
C LEU B 403 -11.78 -4.30 11.02
N ASP B 404 -12.98 -4.86 11.20
CA ASP B 404 -13.92 -4.99 10.10
C ASP B 404 -14.89 -3.83 10.04
N SER B 405 -15.13 -3.17 11.16
CA SER B 405 -15.98 -1.98 11.21
C SER B 405 -15.65 -1.20 12.48
N PHE B 406 -16.10 0.05 12.54
CA PHE B 406 -15.97 0.85 13.75
C PHE B 406 -17.30 0.86 14.50
N LYS B 407 -17.23 0.68 15.82
CA LYS B 407 -18.41 0.99 16.64
C LYS B 407 -18.53 2.49 16.79
N VAL B 408 -19.77 2.98 16.82
CA VAL B 408 -19.99 4.41 16.98
C VAL B 408 -19.95 4.76 18.47
N LYS B 409 -19.13 5.74 18.83
CA LYS B 409 -19.03 6.16 20.23
C LYS B 409 -20.35 6.79 20.67
N GLN B 410 -20.89 6.30 21.79
CA GLN B 410 -22.25 6.68 22.16
C GLN B 410 -22.35 8.13 22.60
N LYS B 411 -21.38 8.60 23.37
CA LYS B 411 -21.25 10.03 23.66
C LYS B 411 -19.82 10.46 23.37
N PHE B 412 -19.69 11.57 22.61
CA PHE B 412 -18.42 11.94 21.97
C PHE B 412 -17.29 12.07 22.98
N PHE B 413 -17.55 12.67 24.14
CA PHE B 413 -16.52 12.94 25.14
C PHE B 413 -16.54 11.94 26.29
N ALA B 414 -17.26 10.83 26.15
CA ALA B 414 -17.30 9.81 27.19
C ALA B 414 -16.12 8.85 27.06
N GLY B 415 -16.10 7.82 27.90
CA GLY B 415 -15.01 6.87 27.92
C GLY B 415 -15.15 5.75 26.90
N PRO B 419 -13.86 -0.01 24.93
CA PRO B 419 -12.67 -0.16 24.07
C PRO B 419 -12.53 1.00 23.10
N MET B 420 -11.35 1.62 23.05
CA MET B 420 -11.12 2.79 22.21
C MET B 420 -11.12 2.46 20.72
N ALA B 421 -11.64 1.28 20.33
CA ALA B 421 -11.86 0.96 18.93
C ALA B 421 -13.24 1.44 18.48
N THR B 422 -13.74 2.48 19.12
CA THR B 422 -15.02 3.08 18.76
C THR B 422 -14.78 4.49 18.24
N PHE B 423 -15.44 4.82 17.15
CA PHE B 423 -15.10 6.06 16.46
C PHE B 423 -15.97 7.21 16.96
N PRO B 424 -15.37 8.36 17.26
CA PRO B 424 -16.13 9.49 17.81
C PRO B 424 -16.83 10.32 16.73
N VAL B 425 -18.01 9.86 16.33
CA VAL B 425 -18.86 10.60 15.40
C VAL B 425 -19.38 11.85 16.11
N PRO B 426 -19.17 13.04 15.57
CA PRO B 426 -19.43 14.26 16.36
C PRO B 426 -20.86 14.77 16.35
N TYR B 427 -21.77 14.16 15.59
CA TYR B 427 -23.17 14.56 15.58
C TYR B 427 -24.05 13.34 15.80
N ASP B 428 -25.34 13.60 15.96
CA ASP B 428 -26.28 12.60 16.40
C ASP B 428 -26.71 11.69 15.26
N LEU B 429 -26.90 10.41 15.58
CA LEU B 429 -27.46 9.42 14.68
C LEU B 429 -28.68 8.76 15.31
N PRO B 430 -29.70 8.44 14.51
CA PRO B 430 -29.82 8.72 13.08
C PRO B 430 -30.07 10.21 12.84
N PRO B 431 -29.73 10.70 11.66
CA PRO B 431 -30.04 12.10 11.35
C PRO B 431 -31.54 12.29 11.24
N GLU B 432 -32.00 13.49 11.58
CA GLU B 432 -33.42 13.81 11.62
C GLU B 432 -33.81 14.63 10.40
N LEU B 433 -34.82 14.15 9.66
CA LEU B 433 -35.27 14.83 8.46
C LEU B 433 -35.84 16.21 8.80
N TYR B 434 -35.65 17.16 7.90
CA TYR B 434 -36.32 18.46 8.00
C TYR B 434 -37.81 18.27 8.21
N GLY B 435 -38.39 19.11 9.07
CA GLY B 435 -39.84 19.19 9.16
C GLY B 435 -40.43 19.86 7.93
N SER B 436 -41.77 19.76 7.80
CA SER B 436 -42.42 20.27 6.61
C SER B 436 -42.27 21.78 6.49
N LYS B 437 -42.10 22.49 7.60
CA LYS B 437 -41.89 23.93 7.59
C LYS B 437 -40.41 24.33 7.51
N ASP B 438 -39.48 23.40 7.67
CA ASP B 438 -38.08 23.76 7.62
C ASP B 438 -37.63 24.08 6.20
N ARG B 439 -36.63 24.95 6.10
CA ARG B 439 -35.98 25.28 4.84
C ARG B 439 -34.48 25.27 5.03
N PRO B 440 -33.71 24.95 4.00
CA PRO B 440 -32.24 25.01 4.14
C PRO B 440 -31.81 26.44 4.39
N TRP B 441 -30.75 26.60 5.16
CA TRP B 441 -30.18 27.94 5.30
C TRP B 441 -29.67 28.42 3.96
N ILE B 442 -30.16 29.59 3.53
CA ILE B 442 -29.69 30.27 2.33
C ILE B 442 -29.21 31.64 2.75
N TRP B 443 -27.96 31.96 2.44
N TRP B 443 -27.94 31.95 2.46
CA TRP B 443 -27.26 33.04 3.14
CA TRP B 443 -27.29 33.07 3.14
C TRP B 443 -27.54 34.42 2.55
C TRP B 443 -27.76 34.43 2.63
N ASN B 444 -28.10 34.52 1.34
CA ASN B 444 -28.29 35.82 0.71
C ASN B 444 -29.76 36.17 0.48
N ILE B 445 -30.65 35.67 1.33
CA ILE B 445 -32.02 36.18 1.40
C ILE B 445 -32.26 36.66 2.82
N PRO B 446 -33.21 37.57 3.03
CA PRO B 446 -33.44 38.08 4.38
C PRO B 446 -34.32 37.17 5.23
N TYR B 447 -34.06 37.20 6.53
CA TYR B 447 -34.89 36.53 7.53
C TYR B 447 -35.33 37.59 8.53
N VAL B 448 -36.56 38.06 8.39
CA VAL B 448 -37.05 39.22 9.13
C VAL B 448 -38.29 38.93 9.95
N LYS B 449 -38.75 37.68 9.98
CA LYS B 449 -39.98 37.36 10.69
C LYS B 449 -39.76 36.84 12.11
N ALA B 450 -38.57 36.34 12.43
CA ALA B 450 -38.31 35.83 13.77
C ALA B 450 -36.90 36.25 14.19
N PRO B 451 -36.76 36.92 15.33
CA PRO B 451 -35.42 37.29 15.80
C PRO B 451 -34.61 36.06 16.17
N ASP B 452 -33.30 36.20 16.10
CA ASP B 452 -32.41 35.10 16.42
C ASP B 452 -32.02 35.14 17.91
N THR B 453 -31.04 34.31 18.26
CA THR B 453 -30.52 34.21 19.62
C THR B 453 -30.21 35.57 20.24
N HIS B 454 -29.74 36.52 19.43
CA HIS B 454 -29.33 37.82 19.95
C HIS B 454 -30.35 38.90 19.67
N GLY B 455 -31.57 38.52 19.32
CA GLY B 455 -32.62 39.50 19.10
C GLY B 455 -32.56 40.22 17.78
N ASN B 456 -31.81 39.71 16.81
CA ASN B 456 -31.53 40.37 15.54
C ASN B 456 -32.23 39.68 14.37
N MET B 457 -32.43 40.45 13.30
CA MET B 457 -32.83 39.95 12.00
C MET B 457 -31.62 39.81 11.09
N TRP B 458 -31.83 39.14 9.96
CA TRP B 458 -30.79 38.92 8.97
C TRP B 458 -31.16 39.60 7.67
N VAL B 459 -30.37 40.60 7.28
CA VAL B 459 -30.59 41.32 6.02
C VAL B 459 -29.27 41.42 5.27
N PRO B 460 -28.99 40.54 4.29
CA PRO B 460 -27.71 40.52 3.58
C PRO B 460 -27.60 41.58 2.49
C10 K8Y C . 10.35 -30.19 -9.99
C13 K8Y C . 11.90 -28.09 -7.28
C17 K8Y C . 13.22 -27.00 -9.75
C20 K8Y C . 11.88 -28.68 -11.06
C02 K8Y C . 8.72 -28.80 -15.81
C04 K8Y C . 9.89 -29.73 -16.13
C05 K8Y C . 10.27 -30.58 -14.93
C06 K8Y C . 10.67 -29.73 -13.72
C09 K8Y C . 10.94 -29.70 -11.14
C11 K8Y C . 10.66 -29.65 -8.76
C12 K8Y C . 11.59 -28.62 -8.67
C16 K8Y C . 12.19 -28.13 -9.82
N08 K8Y C . 10.59 -30.34 -12.40
O01 K8Y C . 7.92 -29.11 -14.90
O03 K8Y C . 8.58 -27.73 -16.45
O07 K8Y C . 11.02 -28.61 -13.87
O14 K8Y C . 13.08 -27.98 -6.89
O15 K8Y C . 10.97 -27.78 -6.49
O18 K8Y C . 14.32 -27.13 -10.35
O19 K8Y C . 12.97 -25.95 -9.11
C1 EDO D . 7.02 -15.27 -9.13
O1 EDO D . 7.28 -15.41 -7.73
C2 EDO D . 5.89 -16.20 -9.56
O2 EDO D . 4.70 -15.84 -8.86
C1 EDO E . -1.91 -10.82 -4.24
O1 EDO E . -2.63 -12.05 -4.42
C2 EDO E . -1.24 -10.92 -2.88
O2 EDO E . -0.37 -12.06 -2.83
S DMS F . 23.71 -22.59 -28.19
O DMS F . 23.42 -24.04 -28.07
C1 DMS F . 25.28 -22.32 -29.05
C2 DMS F . 22.55 -21.81 -29.35
C10 K8Y G . -15.58 29.57 0.38
C13 K8Y G . -14.02 27.86 3.35
C17 K8Y G . -16.79 26.69 3.31
C20 K8Y G . -17.24 28.10 1.29
C02 K8Y G . -19.96 27.64 -3.93
C04 K8Y G . -20.67 28.67 -3.06
C05 K8Y G . -19.67 29.57 -2.35
C06 K8Y G . -18.89 28.84 -1.25
C09 K8Y G . -16.85 29.03 0.33
C11 K8Y G . -14.68 29.19 1.35
C12 K8Y G . -15.06 28.25 2.30
C16 K8Y G . -16.34 27.71 2.26
N08 K8Y G . -17.74 29.52 -0.71
O01 K8Y G . -20.05 26.42 -3.67
O03 K8Y G . -19.27 28.02 -4.92
O07 K8Y G . -19.23 27.77 -0.88
O14 K8Y G . -12.85 27.59 2.98
O15 K8Y G . -14.31 27.84 4.57
O18 K8Y G . -16.07 25.69 3.57
O19 K8Y G . -17.88 26.86 3.91
C1 EDO H . -12.13 15.62 -1.62
O1 EDO H . -10.92 15.26 -2.27
C2 EDO H . -12.28 14.81 -0.34
O2 EDO H . -11.20 15.12 0.56
C1 EDO I . -23.65 8.86 17.73
O1 EDO I . -23.28 9.90 16.82
C2 EDO I . -24.54 9.43 18.80
O2 EDO I . -25.84 9.64 18.23
C1 EDO J . 20.82 0.84 3.61
O1 EDO J . 20.95 2.06 2.86
C2 EDO J . 21.16 1.10 5.07
O2 EDO J . 20.17 1.98 5.64
#